data_3HQ1
#
_entry.id   3HQ1
#
_cell.length_a   54.361
_cell.length_b   154.803
_cell.length_c   69.115
_cell.angle_alpha   90.00
_cell.angle_beta   98.04
_cell.angle_gamma   90.00
#
_symmetry.space_group_name_H-M   'P 1 21 1'
#
loop_
_entity.id
_entity.type
_entity.pdbx_description
1 polymer '2-isopropylmalate synthase'
2 non-polymer 'MANGANESE (II) ION'
3 non-polymer 'CHLORIDE ION'
4 non-polymer GLYCEROL
5 non-polymer 'CITRATE ANION'
6 water water
#
_entity_poly.entity_id   1
_entity_poly.type   'polypeptide(L)'
_entity_poly.pdbx_seq_one_letter_code
;MTTSESPDAYTESFGAHTIVKPAGPPRVGQPSWNPQRASSMPVNRYRPFAEEVEPIRLRNRTWPDRVIDRAPLWCAVDLR
DGNQALIDPMSPARKRRMFDLLVRMGYKEIEVGFPSASQTDFDFVREIIEQGAIPDDVTIQVLTQCRPELIERTFQACSG
APRAIVHFYNSTSILQRRVVFRANRAEVQAIATDGARKCVEQAAKYPGTQWRFEYSPESYTGTELEYAKQVCDAVGEVIA
PTPERPIIFNLPATVEMTTPNVYADSIEWMSRNLANRESVILSLHPHNDRGTAVAAAELGFAAGADRIEGCLFGNGERTG
NVCLVTLGLNLFSRGVDPQIDFSNIDEIRRTVEYCNQLPVHERHPYGGDLVYTAFSGSHQDAINKGLDAMKLDADAADCD
VDDMLWQVPYLPIDPRDVGRTYEAVIRVNSQSGKGGVAYIMKTDHGLSLPRRLQIEFSQVIQKIAEGTAGEGGEVSPKEM
WDAFAEEYLAPVRPLERIRQHVDAADDDGGTTSITATVKINGVETEISGSGNGPLAAFVHALADVGFDVAVLDYYEHAMS
AGDDAQAAAYVEASVTIASPAQPGEAGRHASDPVTIASPAQPGEAGRHASDPVTSKTVWGVGIAPSITTASLRAVVSAVN
RAAR
;
_entity_poly.pdbx_strand_id   A,B
#
# COMPACT_ATOMS: atom_id res chain seq x y z
N THR A 18 -9.58 5.07 15.19
CA THR A 18 -10.57 4.37 14.30
C THR A 18 -11.21 5.32 13.28
N ILE A 19 -11.99 4.76 12.37
CA ILE A 19 -12.66 5.55 11.33
C ILE A 19 -13.89 6.24 11.93
N VAL A 20 -13.88 7.57 11.86
CA VAL A 20 -15.01 8.40 12.28
C VAL A 20 -15.58 9.07 11.04
N LYS A 21 -16.86 8.86 10.78
CA LYS A 21 -17.50 9.43 9.60
C LYS A 21 -17.31 10.98 9.56
N PRO A 22 -16.83 11.52 8.42
CA PRO A 22 -16.76 12.98 8.26
C PRO A 22 -18.10 13.64 8.61
N ALA A 23 -18.06 14.69 9.41
CA ALA A 23 -19.30 15.37 9.80
C ALA A 23 -19.24 16.91 9.75
N GLY A 24 -18.15 17.44 9.21
CA GLY A 24 -18.00 18.90 9.16
C GLY A 24 -18.83 19.50 8.04
N PRO A 25 -19.09 20.80 8.12
CA PRO A 25 -19.90 21.43 7.08
C PRO A 25 -19.33 21.22 5.66
N PRO A 26 -20.21 20.97 4.68
CA PRO A 26 -19.82 21.06 3.27
C PRO A 26 -19.19 22.42 2.97
N ARG A 27 -18.35 22.46 1.94
CA ARG A 27 -17.70 23.70 1.52
C ARG A 27 -18.74 24.71 1.04
N VAL A 28 -18.49 25.99 1.29
CA VAL A 28 -19.34 27.03 0.70
C VAL A 28 -19.32 26.87 -0.82
N GLY A 29 -20.50 26.87 -1.44
CA GLY A 29 -20.61 26.68 -2.88
C GLY A 29 -20.57 25.23 -3.34
N GLN A 30 -20.42 24.29 -2.40
CA GLN A 30 -20.51 22.87 -2.72
C GLN A 30 -21.88 22.56 -3.32
N PRO A 31 -21.90 21.90 -4.50
CA PRO A 31 -23.17 21.64 -5.15
C PRO A 31 -24.16 20.87 -4.27
N SER A 32 -25.44 21.22 -4.41
CA SER A 32 -26.53 20.56 -3.69
C SER A 32 -26.58 19.04 -3.87
N TRP A 33 -26.19 18.57 -5.04
CA TRP A 33 -26.15 17.13 -5.35
C TRP A 33 -24.91 16.42 -4.79
N ASN A 34 -24.06 17.15 -4.06
CA ASN A 34 -22.92 16.54 -3.40
C ASN A 34 -23.06 16.70 -1.89
N PRO A 35 -23.54 15.64 -1.20
CA PRO A 35 -23.76 15.69 0.24
C PRO A 35 -22.56 15.32 1.13
N GLN A 36 -21.37 15.25 0.55
CA GLN A 36 -20.17 14.96 1.34
C GLN A 36 -19.89 16.01 2.42
N ARG A 37 -19.33 15.55 3.54
CA ARG A 37 -19.02 16.38 4.71
C ARG A 37 -17.52 16.52 4.84
N ALA A 38 -17.08 17.63 5.46
CA ALA A 38 -15.67 17.81 5.75
C ALA A 38 -15.18 16.73 6.73
N SER A 39 -14.00 16.20 6.46
CA SER A 39 -13.37 15.25 7.37
C SER A 39 -12.63 16.03 8.45
N SER A 40 -12.16 15.32 9.45
CA SER A 40 -11.34 15.94 10.50
C SER A 40 -9.84 15.65 10.27
N MET A 41 -9.47 15.20 9.06
CA MET A 41 -8.05 14.99 8.75
C MET A 41 -7.34 16.37 8.79
N PRO A 42 -6.10 16.40 9.29
CA PRO A 42 -5.38 17.68 9.45
C PRO A 42 -4.78 18.24 8.15
N VAL A 43 -5.66 18.64 7.24
CA VAL A 43 -5.24 19.14 5.92
C VAL A 43 -4.37 20.37 6.01
N ASN A 44 -4.50 21.15 7.10
CA ASN A 44 -3.69 22.36 7.19
C ASN A 44 -2.20 22.12 7.46
N ARG A 45 -1.83 20.86 7.67
CA ARG A 45 -0.41 20.52 7.81
C ARG A 45 0.27 20.33 6.45
N TYR A 46 -0.51 20.46 5.37
CA TYR A 46 -0.04 20.17 4.00
C TYR A 46 -0.44 21.29 3.09
N ARG A 47 0.46 21.68 2.18
CA ARG A 47 0.26 22.84 1.32
C ARG A 47 0.19 22.42 -0.16
N PRO A 48 -0.52 23.20 -1.01
CA PRO A 48 -0.43 22.94 -2.46
C PRO A 48 1.02 22.94 -2.92
N PHE A 49 1.31 22.18 -3.96
CA PHE A 49 2.68 22.11 -4.46
C PHE A 49 3.28 23.48 -4.80
N ALA A 50 2.49 24.34 -5.44
CA ALA A 50 2.96 25.68 -5.83
C ALA A 50 3.42 26.51 -4.64
N GLU A 51 2.86 26.24 -3.47
CA GLU A 51 3.21 26.94 -2.24
C GLU A 51 4.37 26.24 -1.54
N GLU A 52 4.38 24.91 -1.58
CA GLU A 52 5.44 24.15 -0.93
C GLU A 52 6.77 24.36 -1.66
N VAL A 53 6.72 24.40 -2.99
CA VAL A 53 7.92 24.55 -3.82
C VAL A 53 7.83 25.88 -4.58
N GLU A 54 7.21 25.85 -5.76
CA GLU A 54 7.04 27.05 -6.56
C GLU A 54 5.99 26.79 -7.64
N PRO A 55 5.37 27.85 -8.18
CA PRO A 55 4.53 27.60 -9.34
C PRO A 55 5.30 27.28 -10.65
N ILE A 56 4.53 26.78 -11.62
CA ILE A 56 4.99 26.35 -12.93
C ILE A 56 5.58 27.52 -13.71
N ARG A 57 6.77 27.32 -14.23
CA ARG A 57 7.54 28.33 -14.95
C ARG A 57 7.33 28.24 -16.47
N LEU A 58 6.72 27.15 -16.91
CA LEU A 58 6.72 26.84 -18.33
C LEU A 58 5.62 27.53 -19.08
N ARG A 59 5.96 28.15 -20.20
CA ARG A 59 5.00 28.74 -21.11
C ARG A 59 4.96 28.01 -22.44
N ASN A 60 3.78 27.95 -23.05
CA ASN A 60 3.60 27.18 -24.29
C ASN A 60 4.21 25.76 -24.26
N ARG A 61 3.86 25.01 -23.23
CA ARG A 61 4.23 23.59 -23.16
C ARG A 61 3.88 22.88 -24.46
N THR A 62 4.67 21.87 -24.82
CA THR A 62 4.39 21.09 -26.02
C THR A 62 4.08 19.59 -25.76
N TRP A 63 4.48 19.08 -24.58
CA TRP A 63 4.25 17.64 -24.30
C TRP A 63 2.81 17.14 -24.46
N PRO A 64 1.78 17.99 -24.16
CA PRO A 64 0.42 17.47 -24.32
C PRO A 64 0.06 17.13 -25.76
N ASP A 65 0.84 17.67 -26.71
CA ASP A 65 0.61 17.48 -28.14
C ASP A 65 1.48 16.42 -28.77
N ARG A 66 2.35 15.78 -27.98
CA ARG A 66 3.30 14.82 -28.51
C ARG A 66 2.86 13.41 -28.10
N VAL A 67 2.90 12.48 -29.04
CA VAL A 67 2.68 11.07 -28.73
C VAL A 67 4.04 10.39 -28.89
N ILE A 68 4.44 9.63 -27.88
CA ILE A 68 5.71 8.89 -27.93
C ILE A 68 5.77 7.99 -29.16
N ASP A 69 6.86 8.08 -29.93
CA ASP A 69 6.97 7.18 -31.11
C ASP A 69 8.30 6.45 -31.22
N ARG A 70 9.08 6.49 -30.15
CA ARG A 70 10.33 5.75 -30.06
C ARG A 70 10.60 5.36 -28.61
N ALA A 71 11.39 4.32 -28.42
CA ALA A 71 11.79 3.92 -27.09
C ALA A 71 12.77 4.93 -26.46
N PRO A 72 12.63 5.18 -25.14
CA PRO A 72 13.69 5.96 -24.49
C PRO A 72 14.90 5.06 -24.29
N LEU A 73 16.04 5.65 -23.91
CA LEU A 73 17.16 4.88 -23.35
C LEU A 73 16.77 4.46 -21.94
N TRP A 74 16.76 3.16 -21.69
CA TRP A 74 16.43 2.64 -20.38
C TRP A 74 17.67 2.48 -19.50
N CYS A 75 17.47 2.66 -18.20
CA CYS A 75 18.48 2.24 -17.23
C CYS A 75 17.79 1.49 -16.09
N ALA A 76 18.27 0.29 -15.82
CA ALA A 76 17.66 -0.57 -14.78
C ALA A 76 18.43 -0.43 -13.48
N VAL A 77 17.75 0.00 -12.42
CA VAL A 77 18.44 0.26 -11.15
C VAL A 77 18.09 -0.80 -10.10
N ASP A 78 17.59 -1.95 -10.56
CA ASP A 78 17.16 -3.03 -9.67
C ASP A 78 18.23 -3.50 -8.67
N LEU A 79 19.49 -3.52 -9.10
CA LEU A 79 20.58 -4.11 -8.29
C LEU A 79 21.08 -3.21 -7.17
N ARG A 80 20.65 -1.95 -7.18
CA ARG A 80 21.10 -1.03 -6.14
C ARG A 80 19.90 -0.33 -5.54
N ASP A 81 19.22 0.46 -6.34
CA ASP A 81 18.06 1.15 -5.87
C ASP A 81 16.92 0.20 -5.44
N GLY A 82 16.75 -0.87 -6.20
CA GLY A 82 15.79 -1.92 -5.82
C GLY A 82 16.29 -2.72 -4.63
N ASN A 83 17.52 -3.21 -4.73
CA ASN A 83 18.11 -3.99 -3.64
C ASN A 83 18.07 -3.30 -2.28
N GLN A 84 18.37 -1.99 -2.26
CA GLN A 84 18.34 -1.19 -1.02
C GLN A 84 16.96 -1.22 -0.32
N ALA A 85 15.93 -1.55 -1.08
CA ALA A 85 14.53 -1.53 -0.63
C ALA A 85 14.01 -2.86 -0.09
N LEU A 86 14.85 -3.90 -0.13
CA LEU A 86 14.41 -5.27 0.24
C LEU A 86 14.63 -5.60 1.71
N ILE A 87 13.66 -6.23 2.37
CA ILE A 87 13.94 -6.72 3.73
C ILE A 87 14.96 -7.85 3.72
N ASP A 88 14.95 -8.65 2.65
CA ASP A 88 15.94 -9.73 2.45
C ASP A 88 16.78 -9.35 1.23
N PRO A 89 17.88 -8.62 1.44
CA PRO A 89 18.74 -8.19 0.33
C PRO A 89 19.30 -9.35 -0.49
N MET A 90 19.59 -9.08 -1.74
CA MET A 90 20.05 -10.09 -2.65
C MET A 90 21.39 -10.67 -2.23
N SER A 91 21.44 -12.01 -2.22
CA SER A 91 22.70 -12.74 -2.12
C SER A 91 23.50 -12.55 -3.41
N PRO A 92 24.80 -12.91 -3.40
CA PRO A 92 25.53 -12.82 -4.66
C PRO A 92 24.91 -13.60 -5.82
N ALA A 93 24.27 -14.74 -5.54
CA ALA A 93 23.64 -15.54 -6.60
C ALA A 93 22.41 -14.84 -7.17
N ARG A 94 21.66 -14.22 -6.28
CA ARG A 94 20.46 -13.49 -6.68
C ARG A 94 20.84 -12.25 -7.52
N LYS A 95 21.92 -11.57 -7.13
CA LYS A 95 22.46 -10.45 -7.90
C LYS A 95 22.87 -10.87 -9.30
N ARG A 96 23.56 -12.01 -9.41
CA ARG A 96 23.97 -12.46 -10.73
C ARG A 96 22.80 -12.80 -11.62
N ARG A 97 21.75 -13.40 -11.03
CA ARG A 97 20.57 -13.80 -11.78
C ARG A 97 19.80 -12.56 -12.30
N MET A 98 19.69 -11.52 -11.46
CA MET A 98 19.07 -10.25 -11.90
C MET A 98 19.90 -9.58 -13.01
N PHE A 99 21.21 -9.51 -12.81
CA PHE A 99 22.10 -8.92 -13.81
C PHE A 99 21.93 -9.62 -15.15
N ASP A 100 21.94 -10.95 -15.11
CA ASP A 100 21.79 -11.76 -16.32
CA ASP A 100 21.78 -11.76 -16.32
C ASP A 100 20.43 -11.54 -16.98
N LEU A 101 19.38 -11.45 -16.18
CA LEU A 101 18.04 -11.19 -16.72
C LEU A 101 18.03 -9.84 -17.45
N LEU A 102 18.54 -8.80 -16.80
CA LEU A 102 18.55 -7.45 -17.42
C LEU A 102 19.33 -7.43 -18.73
N VAL A 103 20.48 -8.12 -18.76
CA VAL A 103 21.28 -8.21 -19.97
C VAL A 103 20.49 -8.93 -21.08
N ARG A 104 19.88 -10.07 -20.75
CA ARG A 104 19.15 -10.84 -21.76
C ARG A 104 17.91 -10.15 -22.30
N MET A 105 17.28 -9.33 -21.46
CA MET A 105 16.11 -8.56 -21.89
C MET A 105 16.47 -7.46 -22.87
N GLY A 106 17.72 -7.00 -22.83
CA GLY A 106 18.21 -5.96 -23.74
C GLY A 106 18.61 -4.63 -23.10
N TYR A 107 18.68 -4.59 -21.77
CA TYR A 107 19.12 -3.35 -21.11
C TYR A 107 20.60 -3.13 -21.33
N LYS A 108 20.97 -1.87 -21.56
CA LYS A 108 22.37 -1.50 -21.90
C LYS A 108 23.03 -0.63 -20.83
N GLU A 109 22.22 -0.11 -19.90
CA GLU A 109 22.73 0.61 -18.74
C GLU A 109 22.07 0.03 -17.50
N ILE A 110 22.90 -0.43 -16.57
CA ILE A 110 22.48 -1.22 -15.42
C ILE A 110 23.22 -0.70 -14.18
N GLU A 111 22.48 -0.22 -13.18
CA GLU A 111 23.12 0.28 -11.95
C GLU A 111 23.48 -0.92 -11.10
N VAL A 112 24.76 -1.08 -10.78
CA VAL A 112 25.23 -2.32 -10.10
C VAL A 112 25.62 -2.16 -8.63
N GLY A 113 25.59 -0.93 -8.11
CA GLY A 113 25.90 -0.73 -6.70
C GLY A 113 26.23 0.68 -6.25
N PHE A 114 26.40 0.77 -4.91
CA PHE A 114 26.78 1.97 -4.15
C PHE A 114 28.06 1.55 -3.40
N PRO A 115 29.14 1.28 -4.15
CA PRO A 115 30.28 0.53 -3.60
C PRO A 115 31.04 1.22 -2.48
N SER A 116 30.97 2.54 -2.39
CA SER A 116 31.65 3.27 -1.30
C SER A 116 30.84 3.20 0.00
N ALA A 117 29.58 2.81 -0.09
CA ALA A 117 28.71 2.74 1.07
C ALA A 117 28.56 1.30 1.56
N SER A 118 28.90 0.35 0.70
CA SER A 118 28.55 -1.05 0.96
C SER A 118 29.65 -1.97 0.45
N GLN A 119 30.22 -2.77 1.35
CA GLN A 119 31.26 -3.71 0.96
C GLN A 119 30.74 -4.80 0.01
N THR A 120 29.48 -5.23 0.18
CA THR A 120 28.92 -6.26 -0.70
C THR A 120 28.71 -5.73 -2.12
N ASP A 121 28.28 -4.47 -2.22
CA ASP A 121 28.24 -3.77 -3.51
C ASP A 121 29.64 -3.69 -4.09
N PHE A 122 30.61 -3.29 -3.29
CA PHE A 122 31.99 -3.20 -3.74
C PHE A 122 32.44 -4.55 -4.29
N ASP A 123 32.22 -5.61 -3.53
CA ASP A 123 32.62 -6.95 -3.95
C ASP A 123 31.88 -7.42 -5.21
N PHE A 124 30.61 -7.05 -5.36
CA PHE A 124 29.87 -7.40 -6.59
C PHE A 124 30.44 -6.72 -7.83
N VAL A 125 30.79 -5.44 -7.71
CA VAL A 125 31.36 -4.69 -8.82
C VAL A 125 32.70 -5.32 -9.21
N ARG A 126 33.52 -5.62 -8.21
CA ARG A 126 34.79 -6.29 -8.44
C ARG A 126 34.58 -7.60 -9.20
N GLU A 127 33.59 -8.38 -8.76
CA GLU A 127 33.31 -9.69 -9.37
C GLU A 127 32.93 -9.61 -10.88
N ILE A 128 31.98 -8.74 -11.24
CA ILE A 128 31.55 -8.66 -12.64
C ILE A 128 32.64 -8.10 -13.55
N ILE A 129 33.54 -7.30 -12.99
CA ILE A 129 34.63 -6.73 -13.77
C ILE A 129 35.73 -7.79 -13.93
N GLU A 130 36.09 -8.43 -12.83
CA GLU A 130 37.22 -9.37 -12.82
C GLU A 130 36.90 -10.65 -13.58
N GLN A 131 35.63 -11.06 -13.58
CA GLN A 131 35.20 -12.26 -14.31
C GLN A 131 34.89 -12.02 -15.79
N GLY A 132 34.96 -10.76 -16.23
CA GLY A 132 34.65 -10.40 -17.62
C GLY A 132 33.18 -10.65 -17.94
N ALA A 133 32.31 -10.31 -17.00
CA ALA A 133 30.88 -10.59 -17.06
C ALA A 133 30.04 -9.52 -17.81
N ILE A 134 30.68 -8.42 -18.21
CA ILE A 134 29.95 -7.31 -18.83
C ILE A 134 30.00 -7.38 -20.36
N PRO A 135 28.83 -7.52 -21.03
CA PRO A 135 28.85 -7.47 -22.50
C PRO A 135 29.43 -6.17 -23.05
N ASP A 136 29.94 -6.22 -24.27
CA ASP A 136 30.55 -5.07 -24.93
C ASP A 136 29.63 -3.85 -25.06
N ASP A 137 28.32 -4.08 -25.14
CA ASP A 137 27.37 -2.97 -25.36
C ASP A 137 26.66 -2.55 -24.07
N VAL A 138 27.14 -3.07 -22.95
CA VAL A 138 26.60 -2.75 -21.62
C VAL A 138 27.55 -1.84 -20.83
N THR A 139 26.95 -0.80 -20.24
CA THR A 139 27.67 0.12 -19.38
C THR A 139 27.10 -0.02 -17.96
N ILE A 140 27.96 -0.44 -17.04
CA ILE A 140 27.58 -0.51 -15.63
C ILE A 140 27.57 0.91 -15.05
N GLN A 141 26.74 1.08 -14.02
CA GLN A 141 26.56 2.39 -13.39
C GLN A 141 26.68 2.23 -11.90
N VAL A 142 27.40 3.14 -11.27
CA VAL A 142 27.58 3.06 -9.82
C VAL A 142 27.21 4.39 -9.20
N LEU A 143 26.59 4.33 -8.03
CA LEU A 143 26.13 5.52 -7.32
C LEU A 143 27.18 5.93 -6.30
N THR A 144 27.37 7.24 -6.15
CA THR A 144 28.22 7.77 -5.09
C THR A 144 27.71 9.12 -4.58
N GLN A 145 27.94 9.39 -3.30
CA GLN A 145 27.76 10.73 -2.80
C GLN A 145 29.00 11.57 -3.17
N CYS A 146 28.95 12.86 -2.90
CA CYS A 146 29.97 13.78 -3.43
C CYS A 146 31.28 13.85 -2.62
N ARG A 147 31.25 13.29 -1.42
CA ARG A 147 32.42 13.34 -0.53
C ARG A 147 33.63 12.74 -1.29
N PRO A 148 34.79 13.42 -1.22
CA PRO A 148 35.93 13.02 -2.06
C PRO A 148 36.42 11.60 -1.78
N GLU A 149 36.47 11.20 -0.51
CA GLU A 149 36.86 9.84 -0.16
C GLU A 149 35.88 8.77 -0.70
N LEU A 150 34.64 9.17 -0.93
CA LEU A 150 33.63 8.25 -1.43
C LEU A 150 33.77 8.13 -2.94
N ILE A 151 34.08 9.25 -3.60
CA ILE A 151 34.27 9.22 -5.04
C ILE A 151 35.54 8.40 -5.36
N GLU A 152 36.59 8.59 -4.58
CA GLU A 152 37.81 7.76 -4.72
C GLU A 152 37.52 6.26 -4.63
N ARG A 153 36.80 5.85 -3.58
CA ARG A 153 36.46 4.45 -3.39
C ARG A 153 35.60 3.89 -4.54
N THR A 154 34.76 4.77 -5.10
CA THR A 154 33.90 4.42 -6.23
C THR A 154 34.76 4.12 -7.46
N PHE A 155 35.74 4.98 -7.76
CA PHE A 155 36.63 4.71 -8.88
C PHE A 155 37.45 3.43 -8.61
N GLN A 156 37.87 3.23 -7.37
CA GLN A 156 38.58 1.99 -7.00
C GLN A 156 37.76 0.75 -7.33
N ALA A 157 36.47 0.78 -6.99
CA ALA A 157 35.59 -0.35 -7.26
C ALA A 157 35.48 -0.63 -8.76
N CYS A 158 35.47 0.44 -9.56
CA CYS A 158 35.32 0.33 -11.00
C CYS A 158 36.61 0.08 -11.77
N SER A 159 37.73 0.01 -11.06
CA SER A 159 39.05 -0.21 -11.69
C SER A 159 38.98 -1.36 -12.68
N GLY A 160 39.43 -1.10 -13.90
CA GLY A 160 39.45 -2.11 -14.96
C GLY A 160 38.13 -2.31 -15.71
N ALA A 161 37.10 -1.56 -15.35
CA ALA A 161 35.87 -1.63 -16.15
C ALA A 161 36.17 -1.08 -17.56
N PRO A 162 35.60 -1.66 -18.63
CA PRO A 162 35.88 -1.05 -19.94
C PRO A 162 35.14 0.29 -20.12
N ARG A 163 34.00 0.42 -19.46
CA ARG A 163 33.19 1.64 -19.52
C ARG A 163 32.35 1.68 -18.25
N ALA A 164 32.06 2.88 -17.76
CA ALA A 164 31.25 2.96 -16.55
C ALA A 164 30.63 4.34 -16.47
N ILE A 165 29.41 4.39 -15.93
CA ILE A 165 28.80 5.66 -15.56
C ILE A 165 29.00 5.86 -14.05
N VAL A 166 29.65 6.95 -13.67
CA VAL A 166 29.75 7.32 -12.28
C VAL A 166 28.66 8.33 -11.98
N HIS A 167 27.70 7.93 -11.16
CA HIS A 167 26.53 8.75 -10.87
C HIS A 167 26.71 9.38 -9.50
N PHE A 168 26.99 10.68 -9.47
CA PHE A 168 27.11 11.42 -8.22
C PHE A 168 25.88 12.30 -8.00
N TYR A 169 25.55 12.56 -6.73
CA TYR A 169 24.35 13.31 -6.41
C TYR A 169 24.50 14.04 -5.08
N ASN A 170 23.70 15.08 -4.91
CA ASN A 170 23.53 15.68 -3.58
C ASN A 170 22.15 16.31 -3.54
N SER A 171 21.54 16.36 -2.36
CA SER A 171 20.18 16.90 -2.17
CA SER A 171 20.18 16.90 -2.24
C SER A 171 20.14 18.42 -2.38
N THR A 172 19.21 18.90 -3.22
CA THR A 172 19.12 20.32 -3.54
C THR A 172 17.81 20.98 -3.10
N SER A 173 16.92 20.20 -2.47
CA SER A 173 15.54 20.71 -2.23
C SER A 173 15.53 21.85 -1.23
N ILE A 174 14.55 22.74 -1.35
CA ILE A 174 14.34 23.78 -0.35
C ILE A 174 14.44 23.21 1.06
N LEU A 175 13.69 22.14 1.30
CA LEU A 175 13.63 21.51 2.60
C LEU A 175 14.98 20.97 3.07
N GLN A 176 15.68 20.20 2.22
CA GLN A 176 16.94 19.62 2.66
C GLN A 176 18.01 20.68 2.87
N ARG A 177 18.00 21.73 2.05
CA ARG A 177 18.99 22.79 2.26
C ARG A 177 18.81 23.40 3.63
N ARG A 178 17.55 23.55 4.03
CA ARG A 178 17.27 24.20 5.31
C ARG A 178 17.52 23.28 6.52
N VAL A 179 16.91 22.10 6.52
CA VAL A 179 16.92 21.30 7.74
C VAL A 179 17.94 20.15 7.75
N VAL A 180 18.40 19.72 6.57
CA VAL A 180 19.39 18.62 6.54
C VAL A 180 20.82 19.16 6.50
N PHE A 181 21.09 20.05 5.56
CA PHE A 181 22.44 20.58 5.37
C PHE A 181 22.70 21.90 6.10
N ARG A 182 21.63 22.63 6.40
CA ARG A 182 21.69 23.97 7.00
C ARG A 182 22.61 24.88 6.19
N ALA A 183 22.41 24.83 4.88
CA ALA A 183 23.36 25.43 3.95
C ALA A 183 22.64 26.30 2.92
N ASN A 184 23.35 27.26 2.35
CA ASN A 184 22.75 28.12 1.35
C ASN A 184 22.91 27.54 -0.07
N ARG A 185 22.33 28.24 -1.04
CA ARG A 185 22.40 27.79 -2.43
CA ARG A 185 22.39 27.80 -2.43
C ARG A 185 23.84 27.65 -2.92
N ALA A 186 24.70 28.62 -2.58
CA ALA A 186 26.09 28.58 -3.08
C ALA A 186 26.87 27.40 -2.51
N GLU A 187 26.64 27.12 -1.23
CA GLU A 187 27.31 26.02 -0.55
C GLU A 187 26.88 24.69 -1.14
N VAL A 188 25.57 24.53 -1.33
CA VAL A 188 25.02 23.29 -1.90
C VAL A 188 25.47 23.09 -3.36
N GLN A 189 25.60 24.17 -4.13
CA GLN A 189 26.09 24.04 -5.51
C GLN A 189 27.57 23.63 -5.49
N ALA A 190 28.34 24.16 -4.54
CA ALA A 190 29.77 23.80 -4.40
C ALA A 190 29.96 22.32 -4.04
N ILE A 191 29.05 21.76 -3.25
CA ILE A 191 29.08 20.31 -2.99
C ILE A 191 29.09 19.55 -4.32
N ALA A 192 28.15 19.89 -5.19
CA ALA A 192 28.03 19.27 -6.50
C ALA A 192 29.22 19.51 -7.44
N THR A 193 29.64 20.78 -7.58
CA THR A 193 30.77 21.10 -8.47
C THR A 193 32.11 20.57 -7.94
N ASP A 194 32.31 20.58 -6.63
CA ASP A 194 33.50 19.96 -6.04
C ASP A 194 33.48 18.46 -6.31
N GLY A 195 32.31 17.84 -6.15
CA GLY A 195 32.16 16.43 -6.54
C GLY A 195 32.51 16.21 -8.00
N ALA A 196 32.03 17.08 -8.90
CA ALA A 196 32.32 16.96 -10.33
C ALA A 196 33.83 17.09 -10.57
N ARG A 197 34.46 18.04 -9.88
CA ARG A 197 35.93 18.22 -10.03
C ARG A 197 36.70 16.96 -9.60
N LYS A 198 36.29 16.37 -8.49
CA LYS A 198 36.91 15.13 -8.00
C LYS A 198 36.75 14.00 -9.02
N CYS A 199 35.56 13.92 -9.65
CA CYS A 199 35.33 12.90 -10.66
C CYS A 199 36.30 13.05 -11.85
N VAL A 200 36.44 14.30 -12.33
CA VAL A 200 37.36 14.64 -13.42
C VAL A 200 38.82 14.28 -13.05
N GLU A 201 39.21 14.60 -11.82
CA GLU A 201 40.54 14.25 -11.31
C GLU A 201 40.77 12.73 -11.34
N GLN A 202 39.82 11.98 -10.79
CA GLN A 202 39.94 10.52 -10.68
C GLN A 202 39.91 9.84 -12.04
N ALA A 203 39.09 10.36 -12.97
CA ALA A 203 38.99 9.80 -14.33
C ALA A 203 40.34 9.87 -15.04
N ALA A 204 41.04 10.99 -14.86
CA ALA A 204 42.38 11.18 -15.42
C ALA A 204 43.40 10.20 -14.86
N LYS A 205 43.15 9.64 -13.68
CA LYS A 205 44.07 8.70 -13.02
C LYS A 205 43.84 7.23 -13.43
N TYR A 206 42.69 6.95 -14.03
CA TYR A 206 42.32 5.60 -14.41
C TYR A 206 42.18 5.48 -15.93
N PRO A 207 43.29 5.09 -16.60
CA PRO A 207 43.27 5.04 -18.06
C PRO A 207 42.47 3.86 -18.59
N GLY A 208 42.12 3.92 -19.86
CA GLY A 208 41.48 2.80 -20.55
C GLY A 208 39.98 2.82 -20.44
N THR A 209 39.48 2.84 -19.21
CA THR A 209 38.05 2.94 -18.92
C THR A 209 37.43 4.16 -19.59
N GLN A 210 36.30 3.95 -20.26
CA GLN A 210 35.54 5.06 -20.82
C GLN A 210 34.60 5.55 -19.73
N TRP A 211 35.02 6.58 -19.00
CA TRP A 211 34.24 7.12 -17.90
C TRP A 211 33.16 8.04 -18.44
N ARG A 212 31.96 7.91 -17.88
CA ARG A 212 30.84 8.77 -18.24
C ARG A 212 30.24 9.20 -16.93
N PHE A 213 29.63 10.37 -16.93
CA PHE A 213 29.13 10.91 -15.67
C PHE A 213 27.64 11.16 -15.71
N GLU A 214 27.04 10.98 -14.54
CA GLU A 214 25.65 11.32 -14.27
C GLU A 214 25.59 12.12 -12.99
N TYR A 215 24.87 13.24 -13.03
CA TYR A 215 24.63 14.05 -11.85
C TYR A 215 23.14 14.14 -11.61
N SER A 216 22.73 13.95 -10.35
CA SER A 216 21.33 14.17 -9.90
C SER A 216 21.27 15.25 -8.83
N PRO A 217 20.46 16.30 -9.07
CA PRO A 217 20.06 17.16 -7.95
C PRO A 217 18.97 16.37 -7.23
N GLU A 218 19.40 15.67 -6.19
CA GLU A 218 18.50 14.77 -5.49
C GLU A 218 17.37 15.58 -4.82
N SER A 219 16.17 15.00 -4.74
CA SER A 219 14.96 15.75 -4.31
C SER A 219 14.66 16.94 -5.26
N TYR A 220 14.96 16.73 -6.54
CA TYR A 220 14.66 17.67 -7.63
C TYR A 220 13.22 18.22 -7.59
N THR A 221 12.25 17.34 -7.37
CA THR A 221 10.86 17.79 -7.35
C THR A 221 10.61 18.80 -6.21
N GLY A 222 11.46 18.80 -5.17
CA GLY A 222 11.34 19.78 -4.07
C GLY A 222 12.26 21.00 -4.20
N THR A 223 12.88 21.10 -5.38
CA THR A 223 13.88 22.14 -5.72
C THR A 223 13.32 23.17 -6.71
N GLU A 224 13.73 24.43 -6.55
CA GLU A 224 13.31 25.49 -7.49
C GLU A 224 13.96 25.20 -8.82
N LEU A 225 13.20 25.26 -9.92
CA LEU A 225 13.76 24.89 -11.23
C LEU A 225 14.97 25.74 -11.62
N GLU A 226 14.89 27.04 -11.39
CA GLU A 226 16.02 27.90 -11.76
C GLU A 226 17.31 27.45 -11.06
N TYR A 227 17.14 27.00 -9.81
CA TYR A 227 18.28 26.59 -9.03
C TYR A 227 18.82 25.25 -9.52
N ALA A 228 17.90 24.31 -9.81
CA ALA A 228 18.30 23.00 -10.32
C ALA A 228 19.04 23.19 -11.63
N LYS A 229 18.55 24.11 -12.48
CA LYS A 229 19.24 24.40 -13.74
C LYS A 229 20.64 24.98 -13.46
N GLN A 230 20.75 25.91 -12.50
CA GLN A 230 22.05 26.51 -12.15
C GLN A 230 23.06 25.48 -11.70
N VAL A 231 22.64 24.58 -10.83
CA VAL A 231 23.55 23.55 -10.33
C VAL A 231 23.97 22.59 -11.45
N CYS A 232 22.99 22.09 -12.21
CA CYS A 232 23.32 21.22 -13.36
C CYS A 232 24.29 21.91 -14.31
N ASP A 233 23.99 23.15 -14.69
CA ASP A 233 24.87 23.89 -15.63
C ASP A 233 26.31 23.97 -15.06
N ALA A 234 26.42 24.25 -13.76
CA ALA A 234 27.73 24.44 -13.12
C ALA A 234 28.49 23.12 -13.10
N VAL A 235 27.77 22.02 -12.83
CA VAL A 235 28.36 20.69 -12.88
C VAL A 235 28.83 20.36 -14.31
N GLY A 236 27.98 20.67 -15.29
CA GLY A 236 28.35 20.45 -16.69
C GLY A 236 29.60 21.22 -17.09
N GLU A 237 29.71 22.47 -16.63
CA GLU A 237 30.91 23.27 -16.92
C GLU A 237 32.20 22.59 -16.40
N VAL A 238 32.12 21.90 -15.26
CA VAL A 238 33.27 21.14 -14.73
C VAL A 238 33.60 19.93 -15.62
N ILE A 239 32.57 19.14 -15.93
CA ILE A 239 32.75 17.87 -16.64
C ILE A 239 33.15 18.11 -18.10
N ALA A 240 32.68 19.22 -18.66
CA ALA A 240 32.90 19.58 -20.07
C ALA A 240 32.48 18.45 -21.03
N PRO A 241 31.19 18.09 -21.04
CA PRO A 241 30.76 17.05 -21.94
C PRO A 241 30.62 17.57 -23.37
N THR A 242 30.53 16.63 -24.30
CA THR A 242 30.39 16.91 -25.73
C THR A 242 29.25 16.03 -26.28
N PRO A 243 28.76 16.33 -27.50
CA PRO A 243 27.72 15.46 -28.08
C PRO A 243 28.17 13.99 -28.18
N GLU A 244 29.46 13.79 -28.39
CA GLU A 244 30.02 12.44 -28.52
C GLU A 244 30.17 11.80 -27.14
N ARG A 245 30.42 12.64 -26.14
CA ARG A 245 30.63 12.17 -24.77
C ARG A 245 29.77 12.99 -23.80
N PRO A 246 28.45 12.76 -23.84
CA PRO A 246 27.50 13.60 -23.09
C PRO A 246 27.51 13.30 -21.61
N ILE A 247 26.94 14.22 -20.84
CA ILE A 247 26.71 13.99 -19.42
C ILE A 247 25.23 13.64 -19.26
N ILE A 248 24.92 12.84 -18.25
CA ILE A 248 23.53 12.58 -17.92
C ILE A 248 23.10 13.49 -16.79
N PHE A 249 22.03 14.26 -16.98
CA PHE A 249 21.41 14.95 -15.83
C PHE A 249 20.14 14.20 -15.49
N ASN A 250 20.11 13.62 -14.29
CA ASN A 250 19.00 12.77 -13.89
C ASN A 250 18.18 13.55 -12.88
N LEU A 251 16.87 13.69 -13.15
CA LEU A 251 16.01 14.60 -12.41
C LEU A 251 14.96 13.80 -11.67
N PRO A 252 15.26 13.38 -10.43
CA PRO A 252 14.40 12.41 -9.75
C PRO A 252 13.18 13.03 -9.07
N ALA A 253 12.06 12.32 -9.12
CA ALA A 253 10.97 12.61 -8.19
C ALA A 253 11.27 11.77 -6.94
N THR A 254 12.26 12.23 -6.15
CA THR A 254 12.70 11.46 -4.97
C THR A 254 11.52 11.20 -4.04
N VAL A 255 10.69 12.23 -3.90
CA VAL A 255 9.32 12.04 -3.50
C VAL A 255 8.47 12.51 -4.69
N GLU A 256 7.49 11.70 -5.07
CA GLU A 256 6.50 12.15 -6.06
C GLU A 256 5.58 13.09 -5.31
N MET A 257 5.71 14.39 -5.60
CA MET A 257 5.07 15.43 -4.79
C MET A 257 3.78 15.96 -5.40
N THR A 258 3.61 15.84 -6.71
CA THR A 258 2.40 16.39 -7.35
C THR A 258 2.05 15.57 -8.58
N THR A 259 1.10 16.09 -9.36
CA THR A 259 0.52 15.39 -10.51
C THR A 259 1.56 15.32 -11.66
N PRO A 260 1.50 14.27 -12.49
CA PRO A 260 2.51 13.99 -13.53
C PRO A 260 2.67 15.09 -14.62
N ASN A 261 1.60 15.85 -14.86
CA ASN A 261 1.62 16.99 -15.81
C ASN A 261 2.59 18.07 -15.29
N VAL A 262 2.62 18.25 -13.98
CA VAL A 262 3.50 19.27 -13.37
C VAL A 262 4.95 18.79 -13.44
N TYR A 263 5.16 17.53 -13.13
CA TYR A 263 6.51 16.95 -13.33
C TYR A 263 6.93 17.12 -14.81
N ALA A 264 6.05 16.76 -15.74
CA ALA A 264 6.37 16.91 -17.17
C ALA A 264 6.68 18.38 -17.52
N ASP A 265 5.89 19.33 -17.01
CA ASP A 265 6.19 20.76 -17.25
C ASP A 265 7.60 21.10 -16.80
N SER A 266 7.98 20.61 -15.62
CA SER A 266 9.33 20.82 -15.10
C SER A 266 10.41 20.24 -16.01
N ILE A 267 10.16 19.04 -16.55
CA ILE A 267 11.10 18.41 -17.48
C ILE A 267 11.27 19.21 -18.76
N GLU A 268 10.15 19.66 -19.33
CA GLU A 268 10.19 20.41 -20.57
C GLU A 268 10.97 21.73 -20.33
N TRP A 269 10.70 22.38 -19.20
CA TRP A 269 11.42 23.62 -18.86
C TRP A 269 12.93 23.34 -18.75
N MET A 270 13.32 22.30 -18.03
CA MET A 270 14.74 21.96 -17.92
C MET A 270 15.34 21.62 -19.28
N SER A 271 14.61 20.85 -20.09
CA SER A 271 15.10 20.48 -21.41
C SER A 271 15.33 21.70 -22.30
N ARG A 272 14.42 22.67 -22.19
CA ARG A 272 14.55 23.93 -22.93
C ARG A 272 15.56 24.92 -22.40
N ASN A 273 15.92 24.80 -21.13
CA ASN A 273 16.74 25.84 -20.48
C ASN A 273 18.17 25.44 -20.09
N LEU A 274 18.41 24.14 -19.89
CA LEU A 274 19.76 23.65 -19.57
C LEU A 274 20.75 24.09 -20.65
N ALA A 275 21.96 24.47 -20.22
CA ALA A 275 23.00 24.87 -21.14
C ALA A 275 23.57 23.64 -21.84
N ASN A 276 24.18 23.85 -23.02
CA ASN A 276 24.89 22.77 -23.72
C ASN A 276 24.01 21.51 -23.92
N ARG A 277 22.75 21.72 -24.31
CA ARG A 277 21.74 20.64 -24.40
C ARG A 277 22.10 19.46 -25.30
N GLU A 278 22.84 19.73 -26.39
CA GLU A 278 23.22 18.63 -27.29
C GLU A 278 24.16 17.63 -26.62
N SER A 279 24.82 18.06 -25.54
CA SER A 279 25.79 17.26 -24.78
C SER A 279 25.18 16.70 -23.48
N VAL A 280 23.86 16.76 -23.40
CA VAL A 280 23.11 16.32 -22.24
C VAL A 280 22.16 15.19 -22.63
N ILE A 281 22.17 14.14 -21.81
CA ILE A 281 21.16 13.08 -21.84
C ILE A 281 20.27 13.38 -20.62
N LEU A 282 19.02 13.79 -20.89
CA LEU A 282 18.13 14.16 -19.82
C LEU A 282 17.37 12.93 -19.34
N SER A 283 17.60 12.58 -18.08
CA SER A 283 17.10 11.33 -17.49
C SER A 283 16.04 11.57 -16.40
N LEU A 284 15.04 10.70 -16.38
CA LEU A 284 13.95 10.74 -15.37
C LEU A 284 14.10 9.60 -14.37
N HIS A 285 13.77 9.87 -13.10
CA HIS A 285 13.83 8.85 -12.05
C HIS A 285 12.63 9.08 -11.13
N PRO A 286 11.44 8.67 -11.59
CA PRO A 286 10.22 9.00 -10.85
C PRO A 286 9.82 7.94 -9.87
N HIS A 287 9.68 8.31 -8.60
CA HIS A 287 9.06 7.43 -7.60
C HIS A 287 7.52 7.50 -7.59
N ASN A 288 6.89 6.63 -6.79
CA ASN A 288 5.47 6.38 -6.94
C ASN A 288 4.59 6.81 -5.76
N ASP A 289 5.05 7.81 -4.99
CA ASP A 289 4.35 8.21 -3.75
C ASP A 289 2.87 8.56 -3.95
N ARG A 290 2.52 9.06 -5.12
CA ARG A 290 1.12 9.42 -5.42
C ARG A 290 0.49 8.45 -6.40
N GLY A 291 1.17 7.34 -6.67
CA GLY A 291 0.60 6.36 -7.59
C GLY A 291 0.74 6.70 -9.06
N THR A 292 1.54 7.73 -9.39
CA THR A 292 1.56 8.19 -10.77
C THR A 292 2.95 8.18 -11.46
N ALA A 293 3.85 7.30 -10.99
CA ALA A 293 5.22 7.25 -11.49
C ALA A 293 5.25 6.93 -13.00
N VAL A 294 4.44 5.96 -13.43
CA VAL A 294 4.44 5.57 -14.86
C VAL A 294 3.98 6.78 -15.68
N ALA A 295 2.96 7.47 -15.18
CA ALA A 295 2.42 8.64 -15.90
C ALA A 295 3.46 9.78 -15.94
N ALA A 296 4.16 10.02 -14.84
CA ALA A 296 5.23 11.02 -14.79
C ALA A 296 6.33 10.73 -15.82
N ALA A 297 6.65 9.45 -15.94
CA ALA A 297 7.68 8.99 -16.90
C ALA A 297 7.22 9.21 -18.34
N GLU A 298 5.96 8.88 -18.62
CA GLU A 298 5.47 8.93 -20.00
C GLU A 298 5.28 10.37 -20.42
N LEU A 299 4.73 11.18 -19.53
CA LEU A 299 4.56 12.59 -19.88
C LEU A 299 5.91 13.31 -19.90
N GLY A 300 6.80 12.99 -18.96
CA GLY A 300 8.18 13.50 -18.92
C GLY A 300 8.96 13.15 -20.19
N PHE A 301 8.76 11.93 -20.72
CA PHE A 301 9.45 11.56 -21.96
C PHE A 301 8.95 12.42 -23.12
N ALA A 302 7.63 12.59 -23.21
CA ALA A 302 7.03 13.48 -24.22
C ALA A 302 7.53 14.93 -24.07
N ALA A 303 7.93 15.29 -22.86
CA ALA A 303 8.41 16.65 -22.53
C ALA A 303 9.85 16.90 -22.96
N GLY A 304 10.53 15.84 -23.41
CA GLY A 304 11.89 16.03 -23.93
C GLY A 304 12.98 15.24 -23.26
N ALA A 305 12.64 14.43 -22.25
CA ALA A 305 13.66 13.57 -21.63
C ALA A 305 14.15 12.56 -22.67
N ASP A 306 15.34 12.04 -22.43
CA ASP A 306 15.99 11.06 -23.30
C ASP A 306 16.06 9.65 -22.69
N ARG A 307 15.89 9.56 -21.38
CA ARG A 307 16.28 8.35 -20.65
C ARG A 307 15.42 8.18 -19.41
N ILE A 308 15.13 6.93 -19.04
CA ILE A 308 14.32 6.67 -17.84
C ILE A 308 14.99 5.60 -16.99
N GLU A 309 15.20 5.91 -15.70
CA GLU A 309 15.69 4.92 -14.72
C GLU A 309 14.50 4.33 -13.97
N GLY A 310 14.46 3.01 -13.84
CA GLY A 310 13.38 2.34 -13.10
C GLY A 310 13.75 0.91 -12.73
N CYS A 311 12.75 0.16 -12.27
CA CYS A 311 12.95 -1.26 -11.91
C CYS A 311 11.89 -2.14 -12.54
N LEU A 312 12.23 -3.42 -12.74
CA LEU A 312 11.23 -4.36 -13.20
C LEU A 312 10.14 -4.47 -12.11
N PHE A 313 8.88 -4.30 -12.49
CA PHE A 313 7.74 -4.44 -11.55
C PHE A 313 7.79 -3.44 -10.38
N GLY A 314 8.51 -2.34 -10.60
CA GLY A 314 8.39 -1.17 -9.72
C GLY A 314 9.04 -1.30 -8.37
N ASN A 315 10.00 -2.22 -8.22
CA ASN A 315 10.66 -2.32 -6.92
C ASN A 315 11.46 -1.04 -6.60
N GLY A 316 11.64 -0.72 -5.32
CA GLY A 316 12.39 0.47 -4.89
C GLY A 316 11.78 0.94 -3.57
N GLU A 317 12.43 1.86 -2.87
CA GLU A 317 11.98 2.14 -1.49
C GLU A 317 10.57 2.70 -1.46
N ARG A 318 9.87 2.38 -0.37
CA ARG A 318 8.50 2.79 -0.13
C ARG A 318 7.57 2.34 -1.28
N THR A 319 7.04 3.29 -2.06
CA THR A 319 6.11 2.94 -3.17
C THR A 319 6.84 2.47 -4.42
N GLY A 320 8.18 2.55 -4.43
CA GLY A 320 8.99 1.98 -5.52
C GLY A 320 9.38 2.97 -6.61
N ASN A 321 10.20 2.49 -7.55
CA ASN A 321 10.60 3.19 -8.74
C ASN A 321 9.57 2.95 -9.82
N VAL A 322 9.62 3.74 -10.88
CA VAL A 322 8.71 3.51 -11.99
C VAL A 322 8.94 2.11 -12.56
N CYS A 323 7.84 1.45 -12.90
CA CYS A 323 7.91 0.09 -13.46
C CYS A 323 8.35 0.06 -14.92
N LEU A 324 9.53 -0.51 -15.15
CA LEU A 324 10.06 -0.67 -16.53
C LEU A 324 9.23 -1.61 -17.41
N VAL A 325 8.55 -2.57 -16.79
CA VAL A 325 7.73 -3.51 -17.53
C VAL A 325 6.50 -2.77 -18.05
N THR A 326 5.81 -2.05 -17.17
CA THR A 326 4.66 -1.26 -17.58
C THR A 326 5.06 -0.26 -18.67
N LEU A 327 6.15 0.46 -18.47
CA LEU A 327 6.55 1.47 -19.47
C LEU A 327 6.83 0.81 -20.84
N GLY A 328 7.58 -0.28 -20.81
CA GLY A 328 7.94 -0.97 -22.07
C GLY A 328 6.74 -1.56 -22.80
N LEU A 329 5.88 -2.26 -22.06
CA LEU A 329 4.72 -2.88 -22.69
C LEU A 329 3.65 -1.82 -23.07
N ASN A 330 3.65 -0.67 -22.37
CA ASN A 330 2.77 0.45 -22.79
C ASN A 330 3.16 0.99 -24.15
N LEU A 331 4.45 0.85 -24.48
CA LEU A 331 4.93 1.17 -25.84
C LEU A 331 4.50 0.11 -26.83
N PHE A 332 4.84 -1.15 -26.54
CA PHE A 332 4.52 -2.31 -27.41
C PHE A 332 3.03 -2.31 -27.80
N SER A 333 2.16 -2.12 -26.80
CA SER A 333 0.70 -2.23 -27.01
C SER A 333 0.07 -1.09 -27.82
N ARG A 334 0.89 -0.08 -28.10
CA ARG A 334 0.49 1.06 -28.94
C ARG A 334 1.38 1.18 -30.17
N GLY A 335 2.08 0.08 -30.47
CA GLY A 335 2.76 -0.12 -31.75
C GLY A 335 4.17 0.42 -31.83
N VAL A 336 4.77 0.69 -30.66
CA VAL A 336 6.15 1.20 -30.59
C VAL A 336 7.05 0.12 -29.96
N ASP A 337 8.14 -0.22 -30.65
CA ASP A 337 9.08 -1.22 -30.12
C ASP A 337 9.83 -0.73 -28.87
N PRO A 338 9.64 -1.40 -27.71
CA PRO A 338 10.37 -0.93 -26.51
C PRO A 338 11.88 -1.24 -26.53
N GLN A 339 12.32 -2.01 -27.55
CA GLN A 339 13.73 -2.43 -27.65
C GLN A 339 14.16 -3.32 -26.47
N ILE A 340 13.18 -4.00 -25.86
CA ILE A 340 13.39 -4.89 -24.72
C ILE A 340 12.47 -6.08 -24.96
N ASP A 341 12.93 -7.28 -24.61
CA ASP A 341 12.14 -8.50 -24.86
C ASP A 341 11.22 -8.84 -23.67
N PHE A 342 9.90 -8.72 -23.87
CA PHE A 342 8.94 -9.14 -22.83
C PHE A 342 8.13 -10.31 -23.31
N SER A 343 8.68 -11.10 -24.24
CA SER A 343 7.98 -12.25 -24.84
CA SER A 343 7.92 -12.20 -24.82
C SER A 343 7.60 -13.32 -23.84
N ASN A 344 8.33 -13.36 -22.71
CA ASN A 344 8.04 -14.32 -21.65
C ASN A 344 7.96 -13.62 -20.31
N ILE A 345 6.86 -12.93 -20.09
CA ILE A 345 6.71 -12.13 -18.89
C ILE A 345 6.66 -13.00 -17.64
N ASP A 346 6.17 -14.24 -17.76
CA ASP A 346 6.20 -15.16 -16.61
C ASP A 346 7.61 -15.47 -16.15
N GLU A 347 8.54 -15.66 -17.09
CA GLU A 347 9.94 -15.89 -16.73
CA GLU A 347 9.94 -15.88 -16.71
C GLU A 347 10.51 -14.64 -16.03
N ILE A 348 10.19 -13.47 -16.58
CA ILE A 348 10.65 -12.22 -15.98
C ILE A 348 10.11 -12.12 -14.55
N ARG A 349 8.81 -12.36 -14.39
CA ARG A 349 8.19 -12.28 -13.08
C ARG A 349 8.77 -13.30 -12.09
N ARG A 350 8.92 -14.55 -12.53
CA ARG A 350 9.53 -15.58 -11.66
C ARG A 350 10.90 -15.17 -11.14
N THR A 351 11.72 -14.64 -12.06
CA THR A 351 13.07 -14.23 -11.75
C THR A 351 13.05 -13.02 -10.84
N VAL A 352 12.19 -12.05 -11.13
CA VAL A 352 12.12 -10.88 -10.26
C VAL A 352 11.69 -11.27 -8.83
N GLU A 353 10.68 -12.14 -8.72
CA GLU A 353 10.21 -12.60 -7.40
C GLU A 353 11.30 -13.36 -6.62
N TYR A 354 12.07 -14.18 -7.33
CA TYR A 354 13.16 -14.91 -6.73
C TYR A 354 14.22 -13.94 -6.23
N CYS A 355 14.58 -12.97 -7.08
CA CYS A 355 15.64 -12.01 -6.75
C CYS A 355 15.23 -11.09 -5.60
N ASN A 356 14.02 -10.56 -5.67
CA ASN A 356 13.54 -9.59 -4.66
C ASN A 356 12.93 -10.20 -3.41
N GLN A 357 12.46 -11.45 -3.52
CA GLN A 357 11.66 -12.09 -2.46
C GLN A 357 10.40 -11.26 -2.09
N LEU A 358 9.83 -10.60 -3.10
CA LEU A 358 8.57 -9.85 -2.99
C LEU A 358 7.75 -10.18 -4.22
N PRO A 359 6.44 -10.38 -4.04
CA PRO A 359 5.59 -10.83 -5.16
C PRO A 359 5.19 -9.68 -6.09
N VAL A 360 4.94 -10.02 -7.34
CA VAL A 360 4.22 -9.12 -8.24
C VAL A 360 2.73 -9.20 -7.88
N HIS A 361 2.11 -8.06 -7.60
CA HIS A 361 0.70 -8.06 -7.20
C HIS A 361 -0.22 -8.63 -8.29
N GLU A 362 -1.35 -9.20 -7.84
CA GLU A 362 -2.31 -9.87 -8.72
C GLU A 362 -2.82 -8.98 -9.86
N ARG A 363 -2.86 -7.66 -9.63
CA ARG A 363 -3.39 -6.68 -10.61
C ARG A 363 -2.30 -5.82 -11.29
N HIS A 364 -1.03 -6.18 -11.07
CA HIS A 364 0.06 -5.39 -11.68
C HIS A 364 -0.08 -5.41 -13.22
N PRO A 365 -0.05 -4.23 -13.87
CA PRO A 365 -0.14 -4.23 -15.33
C PRO A 365 0.76 -5.30 -16.01
N TYR A 366 0.17 -5.99 -16.98
CA TYR A 366 0.84 -6.99 -17.85
C TYR A 366 1.30 -8.27 -17.15
N GLY A 367 1.84 -8.14 -15.94
CA GLY A 367 2.48 -9.28 -15.24
C GLY A 367 1.61 -9.97 -14.19
N GLY A 368 0.60 -9.28 -13.67
CA GLY A 368 -0.20 -9.78 -12.55
C GLY A 368 -1.02 -11.02 -12.89
N ASP A 369 -1.27 -11.85 -11.89
CA ASP A 369 -2.10 -13.05 -12.07
C ASP A 369 -3.42 -12.84 -12.77
N LEU A 370 -4.07 -11.70 -12.49
CA LEU A 370 -5.48 -11.54 -12.86
C LEU A 370 -5.67 -10.65 -14.06
N VAL A 371 -4.59 -10.15 -14.64
CA VAL A 371 -4.75 -9.07 -15.62
C VAL A 371 -5.27 -9.51 -17.00
N TYR A 372 -5.26 -10.80 -17.30
CA TYR A 372 -5.86 -11.31 -18.54
C TYR A 372 -7.07 -12.20 -18.26
N THR A 373 -7.77 -11.92 -17.16
CA THR A 373 -8.90 -12.73 -16.73
C THR A 373 -10.23 -12.00 -16.95
N ALA A 374 -11.24 -12.76 -17.38
CA ALA A 374 -12.61 -12.25 -17.45
C ALA A 374 -13.54 -13.24 -16.75
N PHE A 375 -14.17 -12.78 -15.67
CA PHE A 375 -15.09 -13.62 -14.92
C PHE A 375 -16.55 -13.45 -15.39
N SER A 376 -16.79 -12.37 -16.15
CA SER A 376 -18.13 -11.96 -16.62
C SER A 376 -18.53 -12.78 -17.85
N GLY A 377 -19.71 -13.38 -17.83
CA GLY A 377 -20.27 -14.01 -19.04
C GLY A 377 -20.31 -13.07 -20.25
N SER A 378 -20.69 -11.83 -20.03
CA SER A 378 -20.79 -10.87 -21.12
C SER A 378 -19.44 -10.51 -21.73
N HIS A 379 -18.44 -10.27 -20.88
CA HIS A 379 -17.12 -9.93 -21.34
C HIS A 379 -16.51 -11.14 -22.05
N GLN A 380 -16.72 -12.33 -21.50
CA GLN A 380 -16.25 -13.57 -22.13
C GLN A 380 -16.79 -13.74 -23.54
N ASP A 381 -18.09 -13.52 -23.71
CA ASP A 381 -18.72 -13.63 -25.02
C ASP A 381 -18.14 -12.62 -26.01
N ALA A 382 -17.92 -11.36 -25.57
CA ALA A 382 -17.36 -10.33 -26.42
C ALA A 382 -15.94 -10.69 -26.89
N ILE A 383 -15.13 -11.19 -25.95
CA ILE A 383 -13.77 -11.66 -26.24
C ILE A 383 -13.82 -12.72 -27.35
N ASN A 384 -14.75 -13.66 -27.22
CA ASN A 384 -14.85 -14.74 -28.21
C ASN A 384 -15.35 -14.24 -29.57
N LYS A 385 -16.27 -13.28 -29.56
CA LYS A 385 -16.69 -12.66 -30.82
C LYS A 385 -15.52 -11.94 -31.53
N GLY A 386 -14.68 -11.29 -30.72
CA GLY A 386 -13.49 -10.60 -31.23
C GLY A 386 -12.54 -11.61 -31.84
N LEU A 387 -12.23 -12.67 -31.10
CA LEU A 387 -11.31 -13.70 -31.58
C LEU A 387 -11.83 -14.33 -32.87
N ASP A 388 -13.15 -14.58 -32.92
CA ASP A 388 -13.75 -15.20 -34.12
C ASP A 388 -13.61 -14.33 -35.34
N ALA A 389 -13.89 -13.03 -35.19
CA ALA A 389 -13.77 -12.11 -36.30
C ALA A 389 -12.32 -12.02 -36.82
N MET A 390 -11.35 -12.09 -35.91
CA MET A 390 -9.93 -12.09 -36.29
C MET A 390 -9.62 -13.32 -37.13
N LYS A 391 -10.08 -14.48 -36.65
CA LYS A 391 -9.84 -15.76 -37.32
C LYS A 391 -10.47 -15.78 -38.71
N LEU A 392 -11.66 -15.18 -38.84
CA LEU A 392 -12.32 -15.08 -40.15
C LEU A 392 -11.53 -14.21 -41.11
N ASP A 393 -11.07 -13.05 -40.64
CA ASP A 393 -10.23 -12.17 -41.44
C ASP A 393 -8.90 -12.82 -41.79
N ALA A 394 -8.37 -13.63 -40.87
CA ALA A 394 -7.10 -14.35 -41.08
C ALA A 394 -7.25 -15.43 -42.15
N ASP A 395 -8.27 -16.29 -41.99
CA ASP A 395 -8.59 -17.35 -42.96
C ASP A 395 -8.74 -16.78 -44.37
N ALA A 396 -9.42 -15.65 -44.47
CA ALA A 396 -9.66 -14.96 -45.73
C ALA A 396 -8.38 -14.49 -46.39
N ALA A 397 -7.49 -13.86 -45.60
CA ALA A 397 -6.23 -13.32 -46.13
C ALA A 397 -5.10 -14.35 -46.19
N ASP A 398 -5.44 -15.62 -45.91
CA ASP A 398 -4.48 -16.73 -45.90
C ASP A 398 -3.30 -16.42 -44.97
N CYS A 399 -3.61 -15.71 -43.87
CA CYS A 399 -2.63 -15.31 -42.85
C CYS A 399 -2.76 -16.10 -41.56
N ASP A 400 -1.68 -16.12 -40.81
CA ASP A 400 -1.71 -16.61 -39.45
C ASP A 400 -2.41 -15.50 -38.65
N VAL A 401 -3.44 -15.87 -37.91
CA VAL A 401 -4.18 -14.92 -37.09
C VAL A 401 -3.26 -14.29 -36.02
N ASP A 402 -2.24 -15.05 -35.62
CA ASP A 402 -1.22 -14.55 -34.69
C ASP A 402 -0.40 -13.40 -35.24
N ASP A 403 -0.48 -13.15 -36.54
CA ASP A 403 0.21 -12.02 -37.15
C ASP A 403 -0.69 -10.84 -37.50
N MET A 404 -2.00 -10.98 -37.28
CA MET A 404 -2.98 -9.92 -37.62
C MET A 404 -3.05 -8.91 -36.49
N LEU A 405 -3.50 -7.70 -36.82
CA LEU A 405 -3.94 -6.70 -35.84
C LEU A 405 -4.83 -7.32 -34.76
N TRP A 406 -4.43 -7.15 -33.49
CA TRP A 406 -5.19 -7.62 -32.34
C TRP A 406 -6.43 -6.75 -32.19
N GLN A 407 -7.60 -7.37 -32.24
CA GLN A 407 -8.87 -6.65 -32.16
C GLN A 407 -9.82 -7.43 -31.25
N VAL A 408 -9.61 -7.32 -29.95
CA VAL A 408 -10.39 -8.13 -28.98
C VAL A 408 -10.84 -7.26 -27.82
N PRO A 409 -12.17 -7.11 -27.64
CA PRO A 409 -12.74 -6.36 -26.53
C PRO A 409 -12.15 -6.82 -25.19
N TYR A 410 -11.81 -5.86 -24.32
CA TYR A 410 -11.40 -6.15 -22.93
C TYR A 410 -9.97 -6.65 -22.73
N LEU A 411 -9.29 -7.00 -23.81
CA LEU A 411 -7.89 -7.46 -23.70
C LEU A 411 -7.02 -6.50 -24.49
N PRO A 412 -6.22 -5.67 -23.77
CA PRO A 412 -5.43 -4.69 -24.50
C PRO A 412 -4.39 -5.33 -25.41
N ILE A 413 -3.84 -6.48 -25.00
CA ILE A 413 -2.88 -7.18 -25.85
C ILE A 413 -3.26 -8.66 -25.94
N ASP A 414 -2.72 -9.34 -26.95
CA ASP A 414 -2.81 -10.78 -27.00
C ASP A 414 -1.93 -11.34 -25.86
N PRO A 415 -2.55 -12.04 -24.87
CA PRO A 415 -1.73 -12.58 -23.78
C PRO A 415 -0.59 -13.44 -24.32
N ARG A 416 -0.80 -14.11 -25.45
CA ARG A 416 0.24 -14.94 -26.06
C ARG A 416 1.53 -14.15 -26.42
N ASP A 417 1.38 -12.87 -26.74
CA ASP A 417 2.53 -12.04 -27.12
C ASP A 417 3.50 -11.79 -25.96
N VAL A 418 3.06 -12.03 -24.72
CA VAL A 418 3.96 -12.01 -23.57
C VAL A 418 4.07 -13.40 -22.93
N GLY A 419 3.66 -14.43 -23.67
CA GLY A 419 3.83 -15.78 -23.17
C GLY A 419 2.77 -16.25 -22.19
N ARG A 420 1.68 -15.49 -22.07
CA ARG A 420 0.55 -15.78 -21.16
C ARG A 420 -0.68 -16.27 -21.92
N THR A 421 -1.79 -16.47 -21.18
CA THR A 421 -3.04 -16.93 -21.81
C THR A 421 -4.26 -16.20 -21.25
N TYR A 422 -5.24 -16.00 -22.11
CA TYR A 422 -6.57 -15.57 -21.68
C TYR A 422 -7.23 -16.67 -20.85
N GLU A 423 -7.74 -16.29 -19.68
CA GLU A 423 -8.53 -17.19 -18.84
C GLU A 423 -9.98 -16.75 -18.69
N ALA A 424 -10.88 -17.54 -19.29
CA ALA A 424 -12.32 -17.44 -19.09
C ALA A 424 -12.67 -18.31 -17.89
N VAL A 425 -12.52 -17.76 -16.68
CA VAL A 425 -12.68 -18.57 -15.47
C VAL A 425 -14.16 -18.68 -15.07
N ILE A 426 -14.58 -19.93 -14.85
CA ILE A 426 -15.94 -20.26 -14.41
C ILE A 426 -15.90 -20.72 -12.95
N LYS A 434 -13.16 -19.26 2.72
CA LYS A 434 -12.60 -18.82 3.99
C LYS A 434 -13.67 -18.15 4.86
N GLY A 435 -13.66 -18.48 6.14
CA GLY A 435 -14.62 -17.93 7.11
C GLY A 435 -14.30 -16.52 7.55
N GLY A 436 -13.02 -16.15 7.48
CA GLY A 436 -12.53 -14.83 7.96
C GLY A 436 -12.44 -14.81 9.47
N VAL A 437 -11.99 -15.93 10.04
CA VAL A 437 -11.95 -16.09 11.50
C VAL A 437 -11.10 -15.02 12.19
N ALA A 438 -9.86 -14.88 11.75
CA ALA A 438 -8.93 -13.92 12.35
C ALA A 438 -9.48 -12.50 12.33
N TYR A 439 -10.00 -12.08 11.16
CA TYR A 439 -10.55 -10.74 11.01
C TYR A 439 -11.76 -10.52 11.91
N ILE A 440 -12.74 -11.42 11.86
CA ILE A 440 -13.97 -11.24 12.65
C ILE A 440 -13.68 -11.27 14.14
N MET A 441 -12.86 -12.22 14.58
CA MET A 441 -12.58 -12.35 16.02
C MET A 441 -11.83 -11.13 16.57
N LYS A 442 -10.91 -10.57 15.80
CA LYS A 442 -10.19 -9.37 16.22
C LYS A 442 -11.09 -8.14 16.14
N THR A 443 -11.75 -7.96 15.00
CA THR A 443 -12.54 -6.75 14.77
C THR A 443 -13.75 -6.66 15.70
N ASP A 444 -14.52 -7.74 15.79
CA ASP A 444 -15.78 -7.73 16.54
C ASP A 444 -15.63 -8.14 18.00
N HIS A 445 -14.51 -8.77 18.35
CA HIS A 445 -14.38 -9.34 19.70
C HIS A 445 -13.07 -9.02 20.44
N GLY A 446 -12.15 -8.36 19.75
CA GLY A 446 -10.91 -7.88 20.37
C GLY A 446 -9.93 -9.00 20.66
N LEU A 447 -10.17 -10.16 20.05
CA LEU A 447 -9.33 -11.33 20.21
C LEU A 447 -8.37 -11.54 19.03
N SER A 448 -7.08 -11.60 19.35
CA SER A 448 -6.04 -11.97 18.40
C SER A 448 -5.68 -13.43 18.63
N LEU A 449 -6.35 -14.32 17.89
CA LEU A 449 -6.13 -15.77 18.07
C LEU A 449 -4.77 -16.19 17.54
N PRO A 450 -4.01 -16.96 18.36
CA PRO A 450 -2.80 -17.60 17.81
C PRO A 450 -3.11 -18.35 16.51
N ARG A 451 -2.18 -18.32 15.56
CA ARG A 451 -2.44 -18.90 14.23
C ARG A 451 -2.99 -20.33 14.28
N ARG A 452 -2.40 -21.18 15.11
CA ARG A 452 -2.80 -22.60 15.22
C ARG A 452 -4.20 -22.79 15.82
N LEU A 453 -4.59 -21.86 16.68
CA LEU A 453 -5.97 -21.83 17.16
C LEU A 453 -6.92 -21.40 16.05
N GLN A 454 -6.54 -20.35 15.30
CA GLN A 454 -7.34 -19.93 14.14
C GLN A 454 -7.68 -21.11 13.25
N ILE A 455 -6.67 -21.93 12.97
CA ILE A 455 -6.77 -23.15 12.16
C ILE A 455 -7.72 -24.14 12.84
N GLU A 456 -7.39 -24.50 14.09
CA GLU A 456 -8.20 -25.40 14.92
C GLU A 456 -9.69 -25.01 14.90
N PHE A 457 -9.97 -23.71 15.02
CA PHE A 457 -11.34 -23.21 15.11
C PHE A 457 -12.06 -23.03 13.76
N SER A 458 -11.35 -22.58 12.73
CA SER A 458 -11.99 -22.35 11.42
C SER A 458 -12.53 -23.64 10.82
N GLN A 459 -11.86 -24.76 11.12
CA GLN A 459 -12.30 -26.10 10.72
C GLN A 459 -13.70 -26.42 11.27
N VAL A 460 -13.93 -26.04 12.53
CA VAL A 460 -15.25 -26.16 13.16
C VAL A 460 -16.31 -25.37 12.40
N ILE A 461 -15.98 -24.12 12.06
CA ILE A 461 -16.87 -23.24 11.30
C ILE A 461 -17.20 -23.80 9.91
N GLN A 462 -16.21 -24.41 9.26
CA GLN A 462 -16.40 -25.07 7.98
C GLN A 462 -17.57 -26.07 8.07
N LYS A 463 -17.50 -26.97 9.05
CA LYS A 463 -18.58 -27.91 9.33
C LYS A 463 -19.88 -27.21 9.74
N ILE A 464 -19.80 -26.37 10.78
CA ILE A 464 -20.97 -25.66 11.31
C ILE A 464 -21.55 -24.67 10.30
N GLU A 474 -22.88 -19.64 4.47
CA GLU A 474 -21.77 -19.26 5.32
C GLU A 474 -22.26 -19.07 6.77
N VAL A 475 -21.33 -19.24 7.71
CA VAL A 475 -21.59 -18.91 9.10
C VAL A 475 -21.47 -17.39 9.23
N SER A 476 -22.50 -16.75 9.77
CA SER A 476 -22.51 -15.29 10.00
C SER A 476 -21.54 -14.92 11.14
N PRO A 477 -21.07 -13.65 11.17
CA PRO A 477 -20.25 -13.22 12.31
C PRO A 477 -20.82 -13.62 13.67
N LYS A 478 -22.12 -13.39 13.89
CA LYS A 478 -22.77 -13.72 15.17
C LYS A 478 -22.81 -15.23 15.43
N GLU A 479 -23.05 -16.01 14.38
CA GLU A 479 -22.99 -17.48 14.46
C GLU A 479 -21.61 -17.98 14.80
N MET A 480 -20.59 -17.36 14.21
CA MET A 480 -19.19 -17.70 14.48
C MET A 480 -18.86 -17.50 15.95
N TRP A 481 -19.24 -16.35 16.48
CA TRP A 481 -19.00 -16.05 17.88
C TRP A 481 -19.73 -17.04 18.81
N ASP A 482 -21.02 -17.26 18.55
CA ASP A 482 -21.81 -18.24 19.30
C ASP A 482 -21.10 -19.59 19.37
N ALA A 483 -20.54 -20.03 18.25
CA ALA A 483 -19.80 -21.28 18.19
C ALA A 483 -18.49 -21.20 18.98
N PHE A 484 -17.81 -20.05 18.88
CA PHE A 484 -16.57 -19.85 19.63
C PHE A 484 -16.82 -19.96 21.14
N ALA A 485 -17.83 -19.24 21.62
CA ALA A 485 -18.19 -19.26 23.03
C ALA A 485 -18.60 -20.66 23.51
N GLU A 486 -19.32 -21.39 22.66
CA GLU A 486 -19.81 -22.74 23.00
C GLU A 486 -18.66 -23.73 23.15
N GLU A 487 -17.63 -23.58 22.33
CA GLU A 487 -16.47 -24.47 22.40
C GLU A 487 -15.45 -24.12 23.48
N TYR A 488 -15.13 -22.84 23.60
CA TYR A 488 -13.99 -22.42 24.43
C TYR A 488 -14.35 -21.76 25.76
N LEU A 489 -15.49 -21.07 25.79
CA LEU A 489 -15.79 -20.19 26.92
C LEU A 489 -16.86 -20.74 27.87
N ALA A 490 -17.90 -21.33 27.30
CA ALA A 490 -19.08 -21.76 28.07
C ALA A 490 -18.95 -23.05 28.90
N PRO A 491 -18.27 -24.10 28.38
CA PRO A 491 -18.30 -25.40 29.05
C PRO A 491 -17.79 -25.36 30.50
N VAL A 492 -18.52 -26.06 31.38
CA VAL A 492 -18.18 -26.13 32.81
C VAL A 492 -18.10 -27.61 33.27
N ARG A 493 -18.17 -28.53 32.30
CA ARG A 493 -17.94 -29.96 32.54
C ARG A 493 -16.95 -30.50 31.50
N PRO A 494 -16.08 -31.45 31.90
CA PRO A 494 -15.97 -32.01 33.26
C PRO A 494 -15.44 -31.06 34.34
N LEU A 495 -14.77 -29.97 33.94
CA LEU A 495 -14.08 -29.09 34.90
C LEU A 495 -14.70 -27.69 35.02
N GLU A 496 -15.00 -27.27 36.25
CA GLU A 496 -15.40 -25.88 36.53
C GLU A 496 -14.51 -25.31 37.64
N ARG A 497 -13.99 -24.11 37.44
CA ARG A 497 -13.17 -23.44 38.44
C ARG A 497 -14.01 -22.38 39.14
N ILE A 498 -14.24 -22.57 40.43
CA ILE A 498 -15.09 -21.68 41.22
C ILE A 498 -14.31 -20.47 41.73
N ARG A 499 -13.25 -20.73 42.49
CA ARG A 499 -12.35 -19.70 42.99
C ARG A 499 -11.03 -20.34 43.37
N GLN A 500 -10.04 -19.52 43.68
CA GLN A 500 -8.73 -20.06 44.05
C GLN A 500 -7.96 -19.07 44.89
N HIS A 501 -7.01 -19.59 45.66
CA HIS A 501 -6.11 -18.76 46.41
C HIS A 501 -4.68 -18.94 45.94
N VAL A 502 -4.06 -17.84 45.52
CA VAL A 502 -2.69 -17.84 45.00
C VAL A 502 -1.72 -17.31 46.05
N ASP A 503 -0.80 -18.16 46.45
CA ASP A 503 0.27 -17.80 47.38
C ASP A 503 1.55 -17.66 46.56
N ALA A 504 1.77 -16.44 46.03
CA ALA A 504 2.92 -16.16 45.18
C ALA A 504 4.19 -15.95 46.02
N ALA A 505 5.33 -16.30 45.45
CA ALA A 505 6.59 -16.13 46.15
C ALA A 505 6.96 -14.65 46.13
N ASP A 506 7.32 -14.11 47.30
CA ASP A 506 7.76 -12.72 47.39
C ASP A 506 9.02 -12.49 46.56
N ASP A 507 9.93 -13.47 46.60
CA ASP A 507 11.24 -13.37 46.01
C ASP A 507 11.29 -14.00 44.62
N ASP A 508 12.01 -13.35 43.71
CA ASP A 508 12.23 -13.89 42.36
C ASP A 508 12.75 -15.32 42.45
N GLY A 509 12.13 -16.22 41.70
CA GLY A 509 12.55 -17.63 41.69
C GLY A 509 12.11 -18.47 42.88
N GLY A 510 11.32 -17.89 43.78
CA GLY A 510 10.66 -18.66 44.85
C GLY A 510 9.49 -19.46 44.30
N THR A 511 8.90 -20.31 45.15
CA THR A 511 7.79 -21.18 44.76
C THR A 511 6.43 -20.46 44.87
N THR A 512 5.54 -20.73 43.92
CA THR A 512 4.16 -20.24 43.99
C THR A 512 3.24 -21.43 44.26
N SER A 513 2.32 -21.26 45.21
CA SER A 513 1.33 -22.28 45.56
C SER A 513 -0.07 -21.80 45.19
N ILE A 514 -0.96 -22.75 44.91
CA ILE A 514 -2.36 -22.45 44.67
C ILE A 514 -3.24 -23.49 45.37
N THR A 515 -4.37 -23.04 45.89
CA THR A 515 -5.45 -23.93 46.30
C THR A 515 -6.68 -23.46 45.58
N ALA A 516 -7.38 -24.37 44.92
CA ALA A 516 -8.56 -24.00 44.19
C ALA A 516 -9.74 -24.87 44.57
N THR A 517 -10.92 -24.24 44.57
CA THR A 517 -12.19 -24.94 44.65
C THR A 517 -12.67 -25.14 43.23
N VAL A 518 -12.83 -26.40 42.83
CA VAL A 518 -13.28 -26.77 41.49
C VAL A 518 -14.46 -27.72 41.59
N LYS A 519 -15.19 -27.90 40.50
CA LYS A 519 -16.11 -29.02 40.41
C LYS A 519 -15.70 -29.95 39.29
N ILE A 520 -15.73 -31.24 39.60
CA ILE A 520 -15.44 -32.29 38.63
C ILE A 520 -16.72 -33.04 38.37
N ASN A 521 -17.29 -32.82 37.19
CA ASN A 521 -18.63 -33.31 36.84
C ASN A 521 -19.65 -32.99 37.94
N GLY A 522 -19.64 -31.72 38.35
CA GLY A 522 -20.58 -31.21 39.33
C GLY A 522 -20.18 -31.39 40.78
N VAL A 523 -19.15 -32.20 41.05
CA VAL A 523 -18.76 -32.50 42.42
C VAL A 523 -17.67 -31.56 42.93
N GLU A 524 -18.00 -30.78 43.96
CA GLU A 524 -17.04 -29.81 44.51
C GLU A 524 -15.83 -30.49 45.14
N THR A 525 -14.66 -30.01 44.76
CA THR A 525 -13.39 -30.66 45.09
C THR A 525 -12.34 -29.60 45.35
N GLU A 526 -11.49 -29.84 46.35
CA GLU A 526 -10.32 -28.98 46.55
C GLU A 526 -9.14 -29.56 45.80
N ILE A 527 -8.41 -28.70 45.11
CA ILE A 527 -7.13 -29.10 44.49
C ILE A 527 -6.08 -28.11 44.97
N SER A 528 -4.84 -28.56 45.00
CA SER A 528 -3.74 -27.71 45.41
C SER A 528 -2.43 -28.18 44.79
N GLY A 529 -1.61 -27.22 44.39
CA GLY A 529 -0.34 -27.51 43.72
C GLY A 529 0.65 -26.37 43.86
N SER A 530 1.89 -26.66 43.52
CA SER A 530 2.98 -25.70 43.60
C SER A 530 3.76 -25.67 42.29
N GLY A 531 4.42 -24.55 42.03
CA GLY A 531 5.23 -24.42 40.82
C GLY A 531 5.98 -23.09 40.77
N ASN A 532 6.61 -22.82 39.63
CA ASN A 532 7.38 -21.58 39.43
C ASN A 532 6.50 -20.34 39.26
N GLY A 533 5.21 -20.55 39.03
CA GLY A 533 4.25 -19.46 38.92
C GLY A 533 2.83 -19.99 39.12
N PRO A 534 1.83 -19.09 39.10
CA PRO A 534 0.44 -19.49 39.36
C PRO A 534 -0.10 -20.45 38.30
N LEU A 535 0.29 -20.23 37.05
CA LEU A 535 -0.15 -21.07 35.95
C LEU A 535 0.39 -22.49 36.09
N ALA A 536 1.68 -22.60 36.40
CA ALA A 536 2.32 -23.90 36.65
C ALA A 536 1.68 -24.60 37.85
N ALA A 537 1.48 -23.85 38.92
CA ALA A 537 0.89 -24.38 40.16
C ALA A 537 -0.48 -25.02 39.94
N PHE A 538 -1.34 -24.33 39.19
CA PHE A 538 -2.71 -24.79 38.87
C PHE A 538 -2.67 -26.03 38.00
N VAL A 539 -1.79 -26.03 37.00
CA VAL A 539 -1.58 -27.18 36.13
C VAL A 539 -1.19 -28.42 36.94
N HIS A 540 -0.28 -28.24 37.89
CA HIS A 540 0.16 -29.35 38.73
C HIS A 540 -0.94 -29.82 39.66
N ALA A 541 -1.74 -28.88 40.15
CA ALA A 541 -2.88 -29.20 41.04
C ALA A 541 -3.91 -30.12 40.39
N LEU A 542 -4.09 -29.96 39.08
CA LEU A 542 -5.09 -30.72 38.34
C LEU A 542 -4.74 -32.20 38.25
N ALA A 543 -3.45 -32.51 38.36
CA ALA A 543 -2.95 -33.88 38.23
C ALA A 543 -3.56 -34.79 39.29
N ASP A 544 -3.78 -34.25 40.49
CA ASP A 544 -4.32 -35.02 41.63
C ASP A 544 -5.74 -35.52 41.37
N VAL A 545 -6.41 -34.87 40.43
CA VAL A 545 -7.82 -35.05 40.18
C VAL A 545 -8.06 -35.66 38.79
N GLY A 546 -6.98 -36.16 38.19
CA GLY A 546 -7.08 -36.99 37.00
C GLY A 546 -6.83 -36.27 35.69
N PHE A 547 -6.46 -34.99 35.77
CA PHE A 547 -6.11 -34.23 34.57
C PHE A 547 -4.60 -34.00 34.49
N ASP A 548 -3.94 -34.80 33.64
CA ASP A 548 -2.52 -34.65 33.37
C ASP A 548 -2.35 -33.64 32.23
N VAL A 549 -1.95 -32.43 32.58
CA VAL A 549 -1.93 -31.29 31.67
C VAL A 549 -0.50 -30.81 31.50
N ALA A 550 -0.03 -30.73 30.25
CA ALA A 550 1.26 -30.11 29.98
C ALA A 550 1.10 -28.91 29.05
N VAL A 551 1.52 -27.75 29.54
CA VAL A 551 1.44 -26.50 28.76
C VAL A 551 2.52 -26.49 27.67
N LEU A 552 2.08 -26.49 26.42
CA LEU A 552 3.00 -26.50 25.27
C LEU A 552 3.28 -25.11 24.73
N ASP A 553 2.27 -24.24 24.77
CA ASP A 553 2.44 -22.85 24.34
C ASP A 553 1.42 -22.00 25.07
N TYR A 554 1.68 -20.70 25.11
CA TYR A 554 0.82 -19.80 25.85
C TYR A 554 1.02 -18.40 25.32
N TYR A 555 -0.10 -17.68 25.16
CA TYR A 555 -0.07 -16.28 24.72
C TYR A 555 -1.07 -15.50 25.55
N GLU A 556 -0.78 -14.22 25.79
CA GLU A 556 -1.74 -13.35 26.46
C GLU A 556 -1.65 -11.98 25.83
N HIS A 557 -2.77 -11.27 25.76
CA HIS A 557 -2.79 -9.87 25.32
C HIS A 557 -3.86 -9.06 26.04
N ALA A 558 -3.59 -7.76 26.18
CA ALA A 558 -4.55 -6.84 26.79
C ALA A 558 -5.76 -6.76 25.87
N MET A 559 -6.92 -6.48 26.45
CA MET A 559 -8.08 -6.29 25.61
C MET A 559 -8.54 -4.86 25.41
N SER A 560 -7.99 -3.97 26.23
CA SER A 560 -8.13 -2.53 25.99
C SER A 560 -6.87 -1.82 26.50
N ALA A 561 -6.80 -0.52 26.25
CA ALA A 561 -5.82 0.33 26.93
C ALA A 561 -6.25 0.41 28.39
N GLY A 562 -5.33 0.80 29.26
CA GLY A 562 -5.67 1.06 30.66
C GLY A 562 -5.06 0.09 31.65
N ASP A 563 -4.84 0.61 32.86
CA ASP A 563 -4.23 -0.16 33.96
C ASP A 563 -5.00 -1.42 34.32
N ASP A 564 -6.32 -1.28 34.47
CA ASP A 564 -7.20 -2.38 34.91
C ASP A 564 -7.90 -3.09 33.73
N ALA A 565 -7.31 -3.02 32.54
CA ALA A 565 -7.95 -3.59 31.33
C ALA A 565 -8.05 -5.11 31.44
N GLN A 566 -8.95 -5.72 30.66
CA GLN A 566 -9.05 -7.18 30.66
C GLN A 566 -7.91 -7.84 29.88
N ALA A 567 -7.71 -9.13 30.15
CA ALA A 567 -6.70 -9.91 29.46
C ALA A 567 -7.36 -11.10 28.77
N ALA A 568 -6.85 -11.43 27.59
CA ALA A 568 -7.21 -12.67 26.89
C ALA A 568 -5.98 -13.58 26.90
N ALA A 569 -6.17 -14.79 27.41
CA ALA A 569 -5.12 -15.79 27.44
C ALA A 569 -5.49 -17.01 26.61
N TYR A 570 -4.45 -17.61 26.00
CA TYR A 570 -4.63 -18.74 25.10
C TYR A 570 -3.59 -19.75 25.53
N VAL A 571 -4.03 -20.96 25.84
CA VAL A 571 -3.11 -22.00 26.30
C VAL A 571 -3.24 -23.19 25.37
N GLU A 572 -2.10 -23.69 24.91
CA GLU A 572 -2.03 -24.95 24.18
C GLU A 572 -1.45 -25.99 25.12
N ALA A 573 -2.17 -27.07 25.31
CA ALA A 573 -1.78 -28.08 26.27
C ALA A 573 -2.07 -29.48 25.77
N SER A 574 -1.19 -30.41 26.15
CA SER A 574 -1.48 -31.82 25.98
C SER A 574 -2.22 -32.25 27.25
N VAL A 575 -3.38 -32.87 27.05
CA VAL A 575 -4.23 -33.27 28.17
C VAL A 575 -4.50 -34.77 28.12
N THR A 576 -4.25 -35.44 29.24
CA THR A 576 -4.56 -36.87 29.38
C THR A 576 -5.64 -37.04 30.46
N ILE A 577 -6.79 -37.57 30.03
CA ILE A 577 -8.05 -37.64 30.77
C ILE A 577 -8.59 -36.25 31.16
N SER A 615 -4.14 -38.85 25.13
CA SER A 615 -3.47 -37.56 25.24
C SER A 615 -3.74 -36.74 23.98
N LYS A 616 -4.56 -35.70 24.12
CA LYS A 616 -4.90 -34.83 22.99
C LYS A 616 -4.31 -33.45 23.24
N THR A 617 -3.76 -32.85 22.18
CA THR A 617 -3.26 -31.48 22.25
C THR A 617 -4.39 -30.56 21.81
N VAL A 618 -4.76 -29.61 22.67
CA VAL A 618 -5.89 -28.73 22.41
C VAL A 618 -5.58 -27.31 22.85
N TRP A 619 -6.34 -26.36 22.33
CA TRP A 619 -6.25 -24.96 22.80
C TRP A 619 -7.37 -24.68 23.78
N GLY A 620 -7.08 -23.78 24.73
CA GLY A 620 -8.10 -23.16 25.59
C GLY A 620 -7.98 -21.67 25.57
N VAL A 621 -9.09 -20.97 25.82
CA VAL A 621 -9.14 -19.51 25.80
C VAL A 621 -9.77 -19.04 27.11
N GLY A 622 -9.17 -18.04 27.74
CA GLY A 622 -9.73 -17.40 28.93
C GLY A 622 -9.72 -15.90 28.82
N ILE A 623 -10.79 -15.26 29.30
CA ILE A 623 -10.86 -13.79 29.29
C ILE A 623 -11.19 -13.37 30.72
N ALA A 624 -10.42 -12.45 31.29
CA ALA A 624 -10.66 -11.97 32.65
C ALA A 624 -9.98 -10.62 32.95
N PRO A 625 -10.41 -9.91 34.04
CA PRO A 625 -9.71 -8.69 34.43
C PRO A 625 -8.23 -8.87 34.78
N SER A 626 -7.89 -10.05 35.30
CA SER A 626 -6.56 -10.32 35.79
C SER A 626 -5.77 -11.18 34.80
N ILE A 627 -4.50 -10.86 34.60
CA ILE A 627 -3.64 -11.69 33.77
C ILE A 627 -3.63 -13.11 34.33
N THR A 628 -3.64 -13.21 35.66
CA THR A 628 -3.56 -14.53 36.29
C THR A 628 -4.80 -15.33 36.00
N THR A 629 -5.96 -14.73 36.28
CA THR A 629 -7.21 -15.44 36.19
C THR A 629 -7.51 -15.79 34.73
N ALA A 630 -7.16 -14.91 33.79
CA ALA A 630 -7.38 -15.23 32.37
C ALA A 630 -6.60 -16.51 32.00
N SER A 631 -5.37 -16.61 32.50
CA SER A 631 -4.56 -17.81 32.24
C SER A 631 -5.16 -19.08 32.84
N LEU A 632 -5.69 -18.99 34.06
CA LEU A 632 -6.33 -20.16 34.69
C LEU A 632 -7.60 -20.58 33.94
N ARG A 633 -8.40 -19.60 33.52
CA ARG A 633 -9.57 -19.87 32.70
C ARG A 633 -9.22 -20.60 31.40
N ALA A 634 -8.11 -20.20 30.79
CA ALA A 634 -7.61 -20.81 29.55
C ALA A 634 -7.26 -22.30 29.76
N VAL A 635 -6.60 -22.60 30.88
CA VAL A 635 -6.35 -24.02 31.22
C VAL A 635 -7.65 -24.79 31.35
N VAL A 636 -8.63 -24.24 32.07
CA VAL A 636 -9.92 -24.95 32.21
C VAL A 636 -10.58 -25.19 30.85
N SER A 637 -10.54 -24.15 30.02
CA SER A 637 -11.10 -24.19 28.68
C SER A 637 -10.46 -25.36 27.90
N ALA A 638 -9.13 -25.45 27.96
CA ALA A 638 -8.40 -26.52 27.27
C ALA A 638 -8.81 -27.90 27.79
N VAL A 639 -8.82 -28.06 29.11
CA VAL A 639 -9.23 -29.33 29.72
C VAL A 639 -10.59 -29.76 29.20
N ASN A 640 -11.57 -28.86 29.24
CA ASN A 640 -12.92 -29.18 28.80
C ASN A 640 -12.98 -29.53 27.32
N ARG A 641 -12.17 -28.85 26.50
CA ARG A 641 -12.09 -29.21 25.08
C ARG A 641 -11.55 -30.61 24.84
N ALA A 642 -10.56 -31.02 25.63
CA ALA A 642 -9.96 -32.36 25.52
C ALA A 642 -10.92 -33.49 25.86
N ALA A 643 -12.02 -33.17 26.54
CA ALA A 643 -12.93 -34.18 27.08
C ALA A 643 -14.34 -34.01 26.55
N THR B 18 11.82 -18.93 -24.15
CA THR B 18 12.56 -18.11 -23.14
C THR B 18 12.83 -16.69 -23.66
N ILE B 19 13.75 -15.97 -23.00
CA ILE B 19 14.03 -14.58 -23.36
C ILE B 19 15.24 -14.50 -24.29
N VAL B 20 15.02 -13.93 -25.47
CA VAL B 20 16.09 -13.71 -26.45
C VAL B 20 16.41 -12.22 -26.56
N LYS B 21 17.68 -11.91 -26.35
CA LYS B 21 18.14 -10.53 -26.41
C LYS B 21 17.78 -9.86 -27.74
N PRO B 22 17.14 -8.67 -27.67
CA PRO B 22 16.92 -7.90 -28.91
C PRO B 22 18.19 -7.76 -29.72
N ALA B 23 18.09 -8.05 -31.02
CA ALA B 23 19.26 -8.07 -31.89
C ALA B 23 19.08 -7.37 -33.24
N GLY B 24 17.90 -6.77 -33.45
CA GLY B 24 17.64 -6.01 -34.68
C GLY B 24 18.40 -4.70 -34.71
N PRO B 25 18.40 -4.01 -35.87
CA PRO B 25 19.17 -2.79 -35.98
C PRO B 25 18.62 -1.68 -35.06
N PRO B 26 19.44 -0.69 -34.73
CA PRO B 26 18.84 0.45 -34.02
C PRO B 26 17.97 1.24 -34.99
N ARG B 27 17.15 2.15 -34.46
CA ARG B 27 16.32 3.02 -35.27
C ARG B 27 17.19 3.96 -36.12
N VAL B 28 16.72 4.33 -37.29
CA VAL B 28 17.36 5.40 -38.06
C VAL B 28 17.30 6.69 -37.23
N GLY B 29 18.45 7.31 -36.97
CA GLY B 29 18.48 8.53 -36.16
C GLY B 29 18.73 8.28 -34.68
N GLN B 30 18.86 6.99 -34.31
CA GLN B 30 19.12 6.68 -32.92
C GLN B 30 20.50 7.19 -32.50
N PRO B 31 20.56 7.90 -31.35
CA PRO B 31 21.85 8.41 -30.90
C PRO B 31 22.88 7.31 -30.63
N SER B 32 24.12 7.60 -30.95
CA SER B 32 25.25 6.70 -30.73
C SER B 32 25.41 6.29 -29.26
N TRP B 33 24.99 7.17 -28.35
CA TRP B 33 25.05 6.88 -26.92
C TRP B 33 23.92 5.97 -26.42
N ASN B 34 23.01 5.59 -27.33
CA ASN B 34 21.96 4.60 -27.08
C ASN B 34 22.18 3.33 -27.92
N PRO B 35 22.79 2.29 -27.32
CA PRO B 35 23.07 1.01 -27.99
C PRO B 35 21.93 -0.02 -28.03
N GLN B 36 20.70 0.39 -27.69
CA GLN B 36 19.58 -0.54 -27.74
C GLN B 36 19.33 -1.06 -29.15
N ARG B 37 18.81 -2.28 -29.21
CA ARG B 37 18.52 -2.94 -30.48
C ARG B 37 17.04 -3.26 -30.62
N ALA B 38 16.57 -3.36 -31.87
CA ALA B 38 15.17 -3.72 -32.12
C ALA B 38 14.84 -5.11 -31.56
N SER B 39 13.72 -5.21 -30.85
CA SER B 39 13.25 -6.50 -30.35
C SER B 39 12.49 -7.23 -31.45
N SER B 40 12.14 -8.48 -31.20
CA SER B 40 11.31 -9.24 -32.12
C SER B 40 9.83 -9.25 -31.67
N MET B 41 9.47 -8.36 -30.72
CA MET B 41 8.07 -8.21 -30.30
CA MET B 41 8.07 -8.26 -30.33
C MET B 41 7.19 -7.84 -31.50
N PRO B 42 6.00 -8.48 -31.62
CA PRO B 42 5.14 -8.21 -32.80
C PRO B 42 4.36 -6.89 -32.69
N VAL B 43 5.11 -5.80 -32.74
CA VAL B 43 4.54 -4.45 -32.64
C VAL B 43 3.56 -4.12 -33.77
N ASN B 44 3.71 -4.76 -34.93
CA ASN B 44 2.82 -4.50 -36.07
C ASN B 44 1.36 -4.88 -35.79
N ARG B 45 1.13 -5.66 -34.73
CA ARG B 45 -0.23 -6.07 -34.32
C ARG B 45 -0.98 -5.01 -33.50
N TYR B 46 -0.29 -3.89 -33.24
CA TYR B 46 -0.79 -2.82 -32.36
C TYR B 46 -0.55 -1.47 -33.03
N ARG B 47 -1.52 -0.58 -32.90
CA ARG B 47 -1.47 0.72 -33.59
C ARG B 47 -1.50 1.83 -32.52
N PRO B 48 -0.98 3.03 -32.86
CA PRO B 48 -1.19 4.20 -32.00
C PRO B 48 -2.67 4.47 -31.74
N PHE B 49 -2.96 5.05 -30.58
CA PHE B 49 -4.34 5.31 -30.21
C PHE B 49 -5.10 6.13 -31.28
N ALA B 50 -4.43 7.11 -31.89
CA ALA B 50 -5.07 7.99 -32.88
C ALA B 50 -5.57 7.21 -34.08
N GLU B 51 -4.87 6.11 -34.42
CA GLU B 51 -5.28 5.25 -35.52
C GLU B 51 -6.27 4.19 -35.08
N GLU B 52 -6.13 3.71 -33.85
CA GLU B 52 -7.03 2.70 -33.32
C GLU B 52 -8.42 3.31 -33.12
N VAL B 53 -8.44 4.54 -32.60
CA VAL B 53 -9.74 5.14 -32.28
C VAL B 53 -9.94 6.39 -33.13
N GLU B 54 -9.35 7.51 -32.69
CA GLU B 54 -9.39 8.75 -33.45
C GLU B 54 -8.33 9.69 -32.88
N PRO B 55 -7.91 10.70 -33.68
CA PRO B 55 -7.09 11.78 -33.15
C PRO B 55 -7.92 12.59 -32.17
N ILE B 56 -7.37 12.81 -30.99
CA ILE B 56 -8.03 13.71 -30.06
C ILE B 56 -7.11 14.91 -29.99
N ARG B 57 -7.56 16.00 -30.62
CA ARG B 57 -6.82 17.28 -30.62
C ARG B 57 -7.58 18.30 -29.75
N LEU B 58 -6.91 18.84 -28.73
CA LEU B 58 -7.53 19.91 -27.93
C LEU B 58 -6.47 20.99 -27.66
N ARG B 59 -6.12 21.71 -28.73
CA ARG B 59 -5.06 22.74 -28.68
C ARG B 59 -5.25 23.73 -27.53
N ASN B 60 -6.49 24.22 -27.37
CA ASN B 60 -6.86 25.18 -26.31
C ASN B 60 -7.31 24.54 -24.99
N ARG B 61 -6.82 23.33 -24.72
CA ARG B 61 -7.04 22.69 -23.43
C ARG B 61 -6.68 23.61 -22.27
N THR B 62 -7.42 23.48 -21.17
CA THR B 62 -7.14 24.22 -19.95
C THR B 62 -6.73 23.35 -18.79
N TRP B 63 -7.00 22.05 -18.87
CA TRP B 63 -6.71 21.20 -17.71
C TRP B 63 -5.21 21.25 -17.25
N PRO B 64 -4.25 21.42 -18.19
CA PRO B 64 -2.85 21.49 -17.69
C PRO B 64 -2.54 22.65 -16.76
N ASP B 65 -3.43 23.65 -16.74
CA ASP B 65 -3.22 24.83 -15.94
C ASP B 65 -4.15 24.88 -14.75
N ARG B 66 -4.88 23.80 -14.49
CA ARG B 66 -5.80 23.75 -13.34
C ARG B 66 -5.24 22.83 -12.27
N VAL B 67 -5.19 23.33 -11.04
CA VAL B 67 -4.82 22.53 -9.88
C VAL B 67 -6.08 22.23 -9.08
N ILE B 68 -6.31 20.96 -8.78
CA ILE B 68 -7.51 20.55 -8.07
C ILE B 68 -7.56 21.29 -6.73
N ASP B 69 -8.70 21.91 -6.41
CA ASP B 69 -8.80 22.62 -5.12
C ASP B 69 -9.98 22.21 -4.27
N ARG B 70 -10.68 21.14 -4.68
CA ARG B 70 -11.76 20.58 -3.87
C ARG B 70 -11.92 19.11 -4.18
N ALA B 71 -12.52 18.37 -3.26
CA ALA B 71 -12.77 16.95 -3.52
C ALA B 71 -13.84 16.75 -4.61
N PRO B 72 -13.71 15.68 -5.44
CA PRO B 72 -14.81 15.38 -6.33
C PRO B 72 -15.92 14.72 -5.54
N LEU B 73 -17.08 14.56 -6.17
CA LEU B 73 -18.07 13.65 -5.66
C LEU B 73 -17.55 12.23 -5.93
N TRP B 74 -17.41 11.45 -4.86
CA TRP B 74 -16.96 10.08 -4.99
C TRP B 74 -18.11 9.10 -5.17
N CYS B 75 -17.86 8.02 -5.92
CA CYS B 75 -18.78 6.88 -5.91
C CYS B 75 -17.94 5.62 -5.78
N ALA B 76 -18.18 4.82 -4.72
CA ALA B 76 -17.40 3.60 -4.50
C ALA B 76 -18.10 2.42 -5.19
N VAL B 77 -17.38 1.71 -6.06
CA VAL B 77 -17.99 0.59 -6.82
C VAL B 77 -17.45 -0.78 -6.38
N ASP B 78 -16.87 -0.81 -5.18
CA ASP B 78 -16.31 -2.04 -4.61
C ASP B 78 -17.26 -3.23 -4.60
N LEU B 79 -18.54 -2.97 -4.36
CA LEU B 79 -19.52 -4.05 -4.17
C LEU B 79 -20.03 -4.61 -5.48
N ARG B 80 -19.65 -3.96 -6.59
CA ARG B 80 -20.08 -4.32 -7.93
C ARG B 80 -18.90 -4.60 -8.86
N ASP B 81 -18.24 -3.56 -9.37
CA ASP B 81 -17.08 -3.73 -10.27
CA ASP B 81 -17.09 -3.73 -10.25
C ASP B 81 -15.98 -4.49 -9.53
N GLY B 82 -15.72 -4.13 -8.26
CA GLY B 82 -14.76 -4.84 -7.45
C GLY B 82 -15.16 -6.29 -7.20
N ASN B 83 -16.41 -6.51 -6.78
CA ASN B 83 -16.88 -7.85 -6.47
C ASN B 83 -16.76 -8.79 -7.67
N GLN B 84 -17.16 -8.32 -8.84
CA GLN B 84 -17.21 -9.12 -10.06
C GLN B 84 -15.80 -9.56 -10.52
N ALA B 85 -14.77 -8.91 -9.97
CA ALA B 85 -13.38 -9.11 -10.37
C ALA B 85 -12.67 -10.08 -9.43
N LEU B 86 -13.38 -10.53 -8.41
CA LEU B 86 -12.78 -11.37 -7.39
C LEU B 86 -12.70 -12.84 -7.80
N ILE B 87 -11.63 -13.49 -7.34
CA ILE B 87 -11.51 -14.94 -7.46
C ILE B 87 -12.68 -15.59 -6.71
N ASP B 88 -12.96 -15.07 -5.51
CA ASP B 88 -14.05 -15.56 -4.68
C ASP B 88 -14.97 -14.38 -4.37
N PRO B 89 -16.14 -14.34 -5.05
CA PRO B 89 -17.07 -13.25 -4.80
C PRO B 89 -17.47 -13.12 -3.33
N MET B 90 -17.85 -11.91 -2.95
CA MET B 90 -18.13 -11.65 -1.55
C MET B 90 -19.38 -12.41 -1.11
N SER B 91 -19.25 -13.06 0.04
CA SER B 91 -20.39 -13.64 0.77
C SER B 91 -21.30 -12.52 1.27
N PRO B 92 -22.54 -12.86 1.70
CA PRO B 92 -23.40 -11.82 2.25
C PRO B 92 -22.71 -11.04 3.42
N ALA B 93 -21.98 -11.73 4.29
CA ALA B 93 -21.29 -11.04 5.38
C ALA B 93 -20.21 -10.09 4.87
N ARG B 94 -19.46 -10.53 3.87
CA ARG B 94 -18.42 -9.68 3.30
C ARG B 94 -19.03 -8.45 2.62
N LYS B 95 -20.13 -8.62 1.88
CA LYS B 95 -20.80 -7.46 1.28
C LYS B 95 -21.20 -6.42 2.35
N ARG B 96 -21.81 -6.90 3.42
CA ARG B 96 -22.29 -6.00 4.46
C ARG B 96 -21.12 -5.25 5.13
N ARG B 97 -20.01 -5.97 5.36
CA ARG B 97 -18.84 -5.38 6.01
C ARG B 97 -18.26 -4.26 5.12
N MET B 98 -18.15 -4.55 3.82
CA MET B 98 -17.69 -3.52 2.86
C MET B 98 -18.67 -2.32 2.80
N PHE B 99 -19.97 -2.58 2.69
CA PHE B 99 -20.96 -1.50 2.72
C PHE B 99 -20.81 -0.59 3.96
N ASP B 100 -20.70 -1.22 5.13
CA ASP B 100 -20.59 -0.48 6.39
C ASP B 100 -19.29 0.34 6.40
N LEU B 101 -18.21 -0.25 5.88
CA LEU B 101 -16.93 0.47 5.83
C LEU B 101 -17.07 1.72 4.95
N LEU B 102 -17.66 1.56 3.76
CA LEU B 102 -17.81 2.69 2.84
C LEU B 102 -18.65 3.80 3.45
N VAL B 103 -19.73 3.42 4.12
CA VAL B 103 -20.59 4.43 4.78
C VAL B 103 -19.81 5.14 5.89
N ARG B 104 -19.06 4.37 6.67
CA ARG B 104 -18.33 4.92 7.81
C ARG B 104 -17.21 5.86 7.35
N MET B 105 -16.59 5.56 6.21
CA MET B 105 -15.55 6.45 5.66
C MET B 105 -16.11 7.76 5.14
N GLY B 106 -17.39 7.81 4.81
CA GLY B 106 -18.00 9.03 4.34
C GLY B 106 -18.48 9.05 2.88
N TYR B 107 -18.48 7.90 2.21
CA TYR B 107 -19.04 7.81 0.85
C TYR B 107 -20.53 7.96 0.88
N LYS B 108 -21.02 8.76 -0.07
CA LYS B 108 -22.45 9.06 -0.19
C LYS B 108 -23.16 8.45 -1.39
N GLU B 109 -22.37 7.88 -2.32
CA GLU B 109 -22.92 7.15 -3.46
C GLU B 109 -22.11 5.85 -3.54
N ILE B 110 -22.81 4.74 -3.49
CA ILE B 110 -22.20 3.41 -3.38
C ILE B 110 -22.91 2.46 -4.34
N GLU B 111 -22.18 1.83 -5.27
CA GLU B 111 -22.82 0.94 -6.24
C GLU B 111 -22.86 -0.42 -5.60
N VAL B 112 -24.06 -0.83 -5.19
CA VAL B 112 -24.23 -1.99 -4.31
C VAL B 112 -24.37 -3.32 -5.03
N GLY B 113 -24.55 -3.25 -6.34
CA GLY B 113 -24.61 -4.48 -7.09
C GLY B 113 -25.24 -4.37 -8.46
N PHE B 114 -25.46 -5.55 -9.07
CA PHE B 114 -25.99 -5.73 -10.41
C PHE B 114 -27.21 -6.67 -10.25
N PRO B 115 -28.26 -6.20 -9.55
CA PRO B 115 -29.31 -7.11 -9.05
C PRO B 115 -30.17 -7.82 -10.12
N SER B 116 -30.24 -7.28 -11.34
CA SER B 116 -31.03 -7.92 -12.40
C SER B 116 -30.25 -9.06 -13.04
N ALA B 117 -28.95 -9.14 -12.74
CA ALA B 117 -28.07 -10.16 -13.33
C ALA B 117 -27.57 -11.19 -12.32
N SER B 118 -27.80 -10.92 -11.03
CA SER B 118 -27.26 -11.72 -9.97
C SER B 118 -28.27 -11.82 -8.85
N GLN B 119 -28.74 -13.04 -8.59
CA GLN B 119 -29.69 -13.25 -7.49
C GLN B 119 -29.08 -12.86 -6.12
N THR B 120 -27.80 -13.15 -5.91
CA THR B 120 -27.18 -12.74 -4.63
C THR B 120 -27.13 -11.22 -4.47
N ASP B 121 -26.85 -10.52 -5.57
CA ASP B 121 -26.90 -9.06 -5.57
C ASP B 121 -28.32 -8.58 -5.29
N PHE B 122 -29.30 -9.20 -5.94
CA PHE B 122 -30.72 -8.85 -5.69
C PHE B 122 -31.04 -8.96 -4.19
N ASP B 123 -30.65 -10.08 -3.60
CA ASP B 123 -30.96 -10.34 -2.19
C ASP B 123 -30.22 -9.38 -1.27
N PHE B 124 -29.00 -9.01 -1.66
CA PHE B 124 -28.24 -8.00 -0.89
C PHE B 124 -28.95 -6.64 -0.86
N VAL B 125 -29.39 -6.16 -2.03
CA VAL B 125 -30.12 -4.90 -2.13
C VAL B 125 -31.40 -4.95 -1.31
N ARG B 126 -32.12 -6.07 -1.38
CA ARG B 126 -33.33 -6.22 -0.55
C ARG B 126 -32.98 -6.13 0.93
N GLU B 127 -31.91 -6.81 1.33
CA GLU B 127 -31.44 -6.85 2.71
C GLU B 127 -31.17 -5.46 3.26
N ILE B 128 -30.32 -4.70 2.57
CA ILE B 128 -29.96 -3.37 3.06
C ILE B 128 -31.14 -2.41 3.12
N ILE B 129 -32.09 -2.53 2.18
CA ILE B 129 -33.29 -1.70 2.17
C ILE B 129 -34.23 -2.11 3.32
N GLU B 130 -34.48 -3.41 3.44
CA GLU B 130 -35.47 -3.90 4.40
C GLU B 130 -34.98 -3.79 5.85
N GLN B 131 -33.66 -3.85 6.04
CA GLN B 131 -33.09 -3.77 7.39
C GLN B 131 -32.71 -2.34 7.81
N GLY B 132 -33.03 -1.36 6.97
CA GLY B 132 -32.70 0.04 7.25
C GLY B 132 -31.20 0.29 7.46
N ALA B 133 -30.37 -0.32 6.61
CA ALA B 133 -28.91 -0.15 6.72
C ALA B 133 -28.41 1.08 5.96
N ILE B 134 -29.31 1.73 5.22
CA ILE B 134 -28.90 2.87 4.39
C ILE B 134 -29.17 4.21 5.07
N PRO B 135 -28.11 4.95 5.41
CA PRO B 135 -28.26 6.30 5.98
C PRO B 135 -29.01 7.28 5.07
N ASP B 136 -29.62 8.29 5.69
CA ASP B 136 -30.43 9.21 4.92
C ASP B 136 -29.65 10.08 3.93
N ASP B 137 -28.33 10.19 4.11
CA ASP B 137 -27.51 10.96 3.19
C ASP B 137 -26.79 10.08 2.15
N VAL B 138 -27.13 8.79 2.09
CA VAL B 138 -26.48 7.85 1.18
C VAL B 138 -27.46 7.43 0.09
N THR B 139 -27.00 7.48 -1.16
CA THR B 139 -27.77 7.02 -2.29
C THR B 139 -27.12 5.76 -2.85
N ILE B 140 -27.83 4.65 -2.78
CA ILE B 140 -27.34 3.41 -3.39
C ILE B 140 -27.49 3.50 -4.89
N GLN B 141 -26.60 2.81 -5.59
CA GLN B 141 -26.57 2.77 -7.04
C GLN B 141 -26.55 1.33 -7.50
N VAL B 142 -27.28 1.04 -8.55
CA VAL B 142 -27.35 -0.31 -9.09
C VAL B 142 -27.09 -0.29 -10.57
N LEU B 143 -26.32 -1.29 -11.01
CA LEU B 143 -26.00 -1.39 -12.43
C LEU B 143 -27.05 -2.24 -13.13
N THR B 144 -27.39 -1.85 -14.36
CA THR B 144 -28.27 -2.69 -15.19
C THR B 144 -27.90 -2.59 -16.66
N GLN B 145 -28.06 -3.69 -17.40
CA GLN B 145 -28.04 -3.57 -18.86
C GLN B 145 -29.38 -3.04 -19.34
N CYS B 146 -29.53 -2.85 -20.66
CA CYS B 146 -30.66 -2.07 -21.14
C CYS B 146 -31.89 -2.91 -21.52
N ARG B 147 -31.77 -4.23 -21.47
CA ARG B 147 -32.91 -5.10 -21.80
C ARG B 147 -34.06 -4.77 -20.84
N PRO B 148 -35.26 -4.52 -21.38
CA PRO B 148 -36.38 -3.95 -20.62
C PRO B 148 -36.76 -4.76 -19.37
N GLU B 149 -36.67 -6.08 -19.45
CA GLU B 149 -36.98 -6.95 -18.33
C GLU B 149 -35.93 -6.84 -17.21
N LEU B 150 -34.67 -6.61 -17.60
CA LEU B 150 -33.61 -6.38 -16.64
C LEU B 150 -33.80 -5.05 -15.90
N ILE B 151 -34.25 -4.03 -16.64
CA ILE B 151 -34.53 -2.72 -16.03
C ILE B 151 -35.70 -2.86 -15.05
N GLU B 152 -36.73 -3.60 -15.45
CA GLU B 152 -37.85 -3.86 -14.55
C GLU B 152 -37.38 -4.52 -13.27
N ARG B 153 -36.55 -5.56 -13.38
CA ARG B 153 -36.03 -6.28 -12.20
C ARG B 153 -35.16 -5.37 -11.32
N THR B 154 -34.48 -4.42 -11.95
CA THR B 154 -33.64 -3.45 -11.23
C THR B 154 -34.48 -2.54 -10.34
N PHE B 155 -35.56 -2.00 -10.89
CA PHE B 155 -36.50 -1.21 -10.09
C PHE B 155 -37.14 -2.04 -8.98
N GLN B 156 -37.50 -3.27 -9.28
CA GLN B 156 -38.05 -4.16 -8.25
C GLN B 156 -37.05 -4.42 -7.10
N ALA B 157 -35.77 -4.60 -7.44
CA ALA B 157 -34.76 -4.77 -6.40
C ALA B 157 -34.73 -3.54 -5.49
N CYS B 158 -34.97 -2.34 -6.05
CA CYS B 158 -34.84 -1.11 -5.28
C CYS B 158 -36.12 -0.68 -4.60
N SER B 159 -37.15 -1.53 -4.69
CA SER B 159 -38.46 -1.19 -4.13
C SER B 159 -38.33 -0.81 -2.65
N GLY B 160 -38.86 0.36 -2.30
CA GLY B 160 -38.78 0.82 -0.91
C GLY B 160 -37.61 1.72 -0.55
N ALA B 161 -36.60 1.79 -1.42
CA ALA B 161 -35.47 2.70 -1.19
C ALA B 161 -35.94 4.15 -1.20
N PRO B 162 -35.46 5.00 -0.25
CA PRO B 162 -35.85 6.42 -0.31
C PRO B 162 -35.33 7.15 -1.55
N ARG B 163 -34.18 6.70 -2.04
CA ARG B 163 -33.58 7.25 -3.26
C ARG B 163 -32.61 6.21 -3.82
N ALA B 164 -32.36 6.27 -5.11
CA ALA B 164 -31.47 5.29 -5.75
C ALA B 164 -31.03 5.83 -7.10
N ILE B 165 -29.82 5.46 -7.51
CA ILE B 165 -29.31 5.75 -8.85
C ILE B 165 -29.37 4.47 -9.67
N VAL B 166 -30.09 4.53 -10.78
CA VAL B 166 -30.12 3.41 -11.73
C VAL B 166 -29.08 3.73 -12.82
N HIS B 167 -28.03 2.92 -12.82
CA HIS B 167 -26.92 3.06 -13.75
C HIS B 167 -27.11 2.05 -14.88
N PHE B 168 -27.52 2.55 -16.04
CA PHE B 168 -27.69 1.66 -17.21
C PHE B 168 -26.56 1.96 -18.21
N TYR B 169 -26.22 0.96 -19.01
CA TYR B 169 -25.06 1.09 -19.91
C TYR B 169 -25.20 0.21 -21.13
N ASN B 170 -24.48 0.59 -22.18
CA ASN B 170 -24.26 -0.32 -23.29
C ASN B 170 -22.97 0.07 -24.00
N SER B 171 -22.38 -0.92 -24.65
CA SER B 171 -21.07 -0.71 -25.27
CA SER B 171 -21.07 -0.76 -25.29
C SER B 171 -21.18 0.07 -26.56
N THR B 172 -20.31 1.08 -26.70
CA THR B 172 -20.37 1.97 -27.85
C THR B 172 -19.09 2.01 -28.69
N SER B 173 -18.10 1.21 -28.33
CA SER B 173 -16.80 1.35 -29.02
C SER B 173 -16.88 0.97 -30.51
N ILE B 174 -16.00 1.58 -31.30
CA ILE B 174 -15.83 1.21 -32.70
C ILE B 174 -15.75 -0.31 -32.82
N LEU B 175 -14.87 -0.93 -32.02
CA LEU B 175 -14.65 -2.38 -32.10
C LEU B 175 -15.93 -3.18 -31.76
N GLN B 176 -16.57 -2.85 -30.64
CA GLN B 176 -17.78 -3.61 -30.25
C GLN B 176 -18.94 -3.44 -31.23
N ARG B 177 -19.15 -2.23 -31.75
CA ARG B 177 -20.21 -2.02 -32.75
C ARG B 177 -19.98 -2.94 -33.97
N ARG B 178 -18.72 -3.12 -34.36
CA ARG B 178 -18.37 -4.01 -35.47
C ARG B 178 -18.46 -5.51 -35.15
N VAL B 179 -17.72 -5.98 -34.14
CA VAL B 179 -17.57 -7.43 -33.96
C VAL B 179 -18.47 -8.06 -32.92
N VAL B 180 -18.96 -7.27 -31.98
CA VAL B 180 -19.89 -7.78 -30.97
C VAL B 180 -21.35 -7.63 -31.45
N PHE B 181 -21.72 -6.42 -31.87
CA PHE B 181 -23.11 -6.13 -32.28
C PHE B 181 -23.41 -6.18 -33.78
N ARG B 182 -22.38 -6.02 -34.62
CA ARG B 182 -22.53 -5.91 -36.07
C ARG B 182 -23.65 -4.92 -36.37
N ALA B 183 -23.55 -3.74 -35.75
CA ALA B 183 -24.66 -2.79 -35.78
C ALA B 183 -24.19 -1.40 -36.22
N ASN B 184 -25.10 -0.61 -36.73
CA ASN B 184 -24.76 0.76 -37.08
C ASN B 184 -24.93 1.69 -35.87
N ARG B 185 -24.56 2.96 -36.06
CA ARG B 185 -24.64 3.97 -35.01
CA ARG B 185 -24.64 3.95 -34.99
C ARG B 185 -26.05 4.14 -34.46
N ALA B 186 -27.03 4.16 -35.37
CA ALA B 186 -28.42 4.30 -34.92
C ALA B 186 -28.85 3.14 -34.04
N GLU B 187 -28.49 1.91 -34.43
CA GLU B 187 -28.94 0.73 -33.71
CA GLU B 187 -28.94 0.72 -33.70
C GLU B 187 -28.37 0.75 -32.28
N VAL B 188 -27.08 1.07 -32.18
CA VAL B 188 -26.40 1.10 -30.89
C VAL B 188 -26.94 2.21 -30.00
N GLN B 189 -27.21 3.38 -30.59
CA GLN B 189 -27.83 4.48 -29.85
C GLN B 189 -29.22 4.10 -29.36
N ALA B 190 -29.99 3.40 -30.19
CA ALA B 190 -31.33 2.92 -29.78
C ALA B 190 -31.31 1.99 -28.57
N ILE B 191 -30.28 1.15 -28.44
CA ILE B 191 -30.15 0.33 -27.25
C ILE B 191 -30.20 1.24 -26.02
N ALA B 192 -29.42 2.32 -26.05
CA ALA B 192 -29.35 3.27 -24.93
C ALA B 192 -30.65 4.04 -24.72
N THR B 193 -31.21 4.61 -25.79
CA THR B 193 -32.42 5.44 -25.65
C THR B 193 -33.66 4.59 -25.29
N ASP B 194 -33.73 3.36 -25.79
CA ASP B 194 -34.75 2.42 -25.35
C ASP B 194 -34.61 2.12 -23.85
N GLY B 195 -33.37 1.98 -23.39
CA GLY B 195 -33.13 1.77 -21.95
C GLY B 195 -33.59 2.98 -21.14
N ALA B 196 -33.25 4.16 -21.64
CA ALA B 196 -33.62 5.43 -20.97
C ALA B 196 -35.14 5.56 -20.89
N ARG B 197 -35.82 5.16 -21.97
CA ARG B 197 -37.29 5.26 -22.03
C ARG B 197 -37.92 4.34 -20.98
N LYS B 198 -37.41 3.11 -20.91
CA LYS B 198 -37.87 2.12 -19.95
C LYS B 198 -37.64 2.60 -18.53
N CYS B 199 -36.52 3.28 -18.30
CA CYS B 199 -36.21 3.84 -16.96
C CYS B 199 -37.22 4.91 -16.53
N VAL B 200 -37.56 5.81 -17.44
CA VAL B 200 -38.55 6.85 -17.19
C VAL B 200 -39.93 6.22 -16.89
N GLU B 201 -40.28 5.16 -17.62
CA GLU B 201 -41.55 4.46 -17.42
C GLU B 201 -41.62 3.77 -16.07
N GLN B 202 -40.52 3.12 -15.68
CA GLN B 202 -40.48 2.38 -14.45
C GLN B 202 -40.45 3.32 -13.25
N ALA B 203 -39.79 4.46 -13.39
CA ALA B 203 -39.71 5.45 -12.30
C ALA B 203 -41.09 6.00 -11.94
N ALA B 204 -41.93 6.21 -12.95
CA ALA B 204 -43.30 6.69 -12.73
C ALA B 204 -44.17 5.68 -11.96
N LYS B 205 -43.84 4.39 -12.06
CA LYS B 205 -44.53 3.31 -11.34
C LYS B 205 -44.14 3.15 -9.88
N TYR B 206 -43.02 3.77 -9.49
CA TYR B 206 -42.53 3.67 -8.12
C TYR B 206 -42.37 5.07 -7.51
N PRO B 207 -43.50 5.76 -7.25
CA PRO B 207 -43.39 7.17 -6.83
C PRO B 207 -42.83 7.38 -5.41
N GLY B 208 -42.74 6.31 -4.63
CA GLY B 208 -42.20 6.36 -3.27
C GLY B 208 -40.69 6.54 -3.18
N THR B 209 -40.01 6.36 -4.31
CA THR B 209 -38.55 6.47 -4.38
C THR B 209 -38.14 7.66 -5.24
N GLN B 210 -37.15 8.41 -4.77
CA GLN B 210 -36.53 9.48 -5.54
C GLN B 210 -35.48 8.89 -6.47
N TRP B 211 -35.83 8.75 -7.76
CA TRP B 211 -34.98 8.07 -8.75
C TRP B 211 -34.03 9.03 -9.43
N ARG B 212 -32.81 8.56 -9.65
CA ARG B 212 -31.80 9.33 -10.35
C ARG B 212 -31.16 8.38 -11.33
N PHE B 213 -30.56 8.94 -12.37
CA PHE B 213 -30.03 8.09 -13.44
C PHE B 213 -28.58 8.34 -13.73
N GLU B 214 -27.92 7.27 -14.16
CA GLU B 214 -26.56 7.36 -14.67
C GLU B 214 -26.50 6.54 -15.95
N TYR B 215 -25.95 7.13 -17.00
CA TYR B 215 -25.78 6.40 -18.26
C TYR B 215 -24.26 6.32 -18.57
N SER B 216 -23.77 5.14 -18.93
CA SER B 216 -22.37 5.01 -19.41
C SER B 216 -22.33 4.49 -20.86
N PRO B 217 -21.68 5.25 -21.77
CA PRO B 217 -21.30 4.65 -23.06
C PRO B 217 -20.09 3.74 -22.79
N GLU B 218 -20.36 2.45 -22.62
CA GLU B 218 -19.35 1.52 -22.15
C GLU B 218 -18.26 1.37 -23.22
N SER B 219 -17.01 1.24 -22.78
CA SER B 219 -15.86 1.24 -23.72
C SER B 219 -15.76 2.60 -24.41
N TYR B 220 -16.07 3.64 -23.64
CA TYR B 220 -15.94 5.04 -24.06
C TYR B 220 -14.57 5.37 -24.64
N THR B 221 -13.48 4.86 -24.03
CA THR B 221 -12.16 5.21 -24.54
C THR B 221 -11.88 4.56 -25.91
N GLY B 222 -12.74 3.62 -26.32
CA GLY B 222 -12.66 3.09 -27.68
C GLY B 222 -13.75 3.60 -28.62
N THR B 223 -14.40 4.69 -28.23
CA THR B 223 -15.56 5.28 -28.92
C THR B 223 -15.17 6.66 -29.44
N GLU B 224 -15.71 7.04 -30.61
CA GLU B 224 -15.46 8.39 -31.15
C GLU B 224 -16.15 9.39 -30.20
N LEU B 225 -15.49 10.48 -29.85
CA LEU B 225 -16.08 11.45 -28.92
C LEU B 225 -17.38 12.01 -29.48
N GLU B 226 -17.41 12.33 -30.78
CA GLU B 226 -18.65 12.87 -31.34
C GLU B 226 -19.81 11.88 -31.18
N TYR B 227 -19.50 10.58 -31.32
CA TYR B 227 -20.56 9.59 -31.14
C TYR B 227 -20.98 9.46 -29.66
N ALA B 228 -19.99 9.43 -28.77
CA ALA B 228 -20.29 9.36 -27.33
C ALA B 228 -21.19 10.52 -26.94
N LYS B 229 -20.87 11.73 -27.41
CA LYS B 229 -21.71 12.92 -27.18
C LYS B 229 -23.11 12.72 -27.78
N GLN B 230 -23.17 12.23 -29.01
CA GLN B 230 -24.47 11.99 -29.66
C GLN B 230 -25.37 11.08 -28.83
N VAL B 231 -24.84 9.93 -28.38
CA VAL B 231 -25.59 8.95 -27.59
C VAL B 231 -25.97 9.53 -26.22
N CYS B 232 -25.01 10.15 -25.53
CA CYS B 232 -25.34 10.76 -24.23
C CYS B 232 -26.45 11.81 -24.38
N ASP B 233 -26.29 12.73 -25.34
CA ASP B 233 -27.30 13.75 -25.61
C ASP B 233 -28.67 13.11 -25.84
N ALA B 234 -28.72 12.06 -26.66
CA ALA B 234 -30.00 11.37 -26.94
C ALA B 234 -30.63 10.76 -25.69
N VAL B 235 -29.80 10.14 -24.84
CA VAL B 235 -30.27 9.59 -23.57
C VAL B 235 -30.80 10.71 -22.68
N GLY B 236 -30.07 11.83 -22.63
CA GLY B 236 -30.47 12.99 -21.81
C GLY B 236 -31.81 13.62 -22.24
N GLU B 237 -32.06 13.66 -23.53
CA GLU B 237 -33.35 14.15 -24.04
CA GLU B 237 -33.35 14.15 -24.02
C GLU B 237 -34.51 13.28 -23.54
N VAL B 238 -34.30 11.96 -23.46
CA VAL B 238 -35.32 11.04 -22.92
C VAL B 238 -35.53 11.26 -21.41
N ILE B 239 -34.42 11.33 -20.67
CA ILE B 239 -34.48 11.45 -19.20
C ILE B 239 -34.94 12.84 -18.76
N ALA B 240 -34.60 13.86 -19.57
CA ALA B 240 -34.94 15.25 -19.32
C ALA B 240 -34.45 15.79 -17.96
N PRO B 241 -33.13 15.70 -17.69
CA PRO B 241 -32.58 16.15 -16.41
C PRO B 241 -32.64 17.67 -16.29
N THR B 242 -32.49 18.16 -15.05
CA THR B 242 -32.44 19.61 -14.79
C THR B 242 -31.30 19.87 -13.80
N PRO B 243 -30.91 21.15 -13.59
CA PRO B 243 -29.87 21.36 -12.54
C PRO B 243 -30.22 20.84 -11.15
N GLU B 244 -31.52 20.77 -10.84
CA GLU B 244 -32.00 20.29 -9.56
C GLU B 244 -32.06 18.76 -9.55
N ARG B 245 -32.30 18.17 -10.72
CA ARG B 245 -32.34 16.72 -10.87
C ARG B 245 -31.41 16.29 -12.01
N PRO B 246 -30.09 16.40 -11.80
CA PRO B 246 -29.18 16.15 -12.93
C PRO B 246 -29.05 14.66 -13.28
N ILE B 247 -28.58 14.39 -14.49
CA ILE B 247 -28.24 13.03 -14.92
C ILE B 247 -26.74 12.88 -14.75
N ILE B 248 -26.28 11.68 -14.44
CA ILE B 248 -24.84 11.38 -14.42
C ILE B 248 -24.48 10.74 -15.75
N PHE B 249 -23.50 11.30 -16.46
CA PHE B 249 -22.89 10.61 -17.63
C PHE B 249 -21.53 10.17 -17.14
N ASN B 250 -21.37 8.86 -17.11
CA ASN B 250 -20.15 8.22 -16.61
C ASN B 250 -19.34 7.78 -17.85
N LEU B 251 -18.08 8.21 -17.91
CA LEU B 251 -17.28 7.99 -19.13
C LEU B 251 -16.13 7.08 -18.77
N PRO B 252 -16.31 5.75 -18.97
CA PRO B 252 -15.31 4.80 -18.49
C PRO B 252 -14.12 4.56 -19.41
N ALA B 253 -12.93 4.47 -18.82
CA ALA B 253 -11.81 3.86 -19.55
C ALA B 253 -11.95 2.38 -19.23
N THR B 254 -12.92 1.74 -19.88
CA THR B 254 -13.24 0.34 -19.64
C THR B 254 -11.99 -0.50 -19.83
N VAL B 255 -11.24 -0.18 -20.88
CA VAL B 255 -9.84 -0.53 -21.00
C VAL B 255 -9.10 0.80 -21.01
N GLU B 256 -8.04 0.89 -20.22
CA GLU B 256 -7.16 2.06 -20.30
C GLU B 256 -6.31 1.90 -21.58
N MET B 257 -6.56 2.77 -22.56
CA MET B 257 -6.07 2.61 -23.95
CA MET B 257 -6.00 2.55 -23.91
C MET B 257 -4.82 3.42 -24.26
N THR B 258 -4.69 4.57 -23.58
CA THR B 258 -3.59 5.46 -23.87
C THR B 258 -3.22 6.31 -22.63
N THR B 259 -2.40 7.32 -22.84
CA THR B 259 -1.84 8.11 -21.75
C THR B 259 -2.92 9.01 -21.13
N PRO B 260 -2.80 9.32 -19.83
CA PRO B 260 -3.87 10.02 -19.10
C PRO B 260 -4.16 11.44 -19.59
N ASN B 261 -3.18 12.08 -20.23
CA ASN B 261 -3.43 13.40 -20.85
C ASN B 261 -4.45 13.32 -21.98
N VAL B 262 -4.46 12.20 -22.72
CA VAL B 262 -5.42 12.03 -23.82
C VAL B 262 -6.81 11.79 -23.27
N TYR B 263 -6.92 10.93 -22.24
CA TYR B 263 -8.18 10.81 -21.50
C TYR B 263 -8.68 12.18 -21.01
N ALA B 264 -7.78 12.95 -20.40
CA ALA B 264 -8.10 14.28 -19.89
C ALA B 264 -8.63 15.18 -21.02
N ASP B 265 -7.93 15.20 -22.16
CA ASP B 265 -8.41 15.97 -23.32
C ASP B 265 -9.83 15.56 -23.67
N SER B 266 -10.12 14.26 -23.64
CA SER B 266 -11.41 13.76 -24.04
C SER B 266 -12.49 14.23 -23.04
N ILE B 267 -12.16 14.23 -21.76
CA ILE B 267 -13.09 14.70 -20.72
C ILE B 267 -13.39 16.19 -20.88
N GLU B 268 -12.35 17.00 -21.12
CA GLU B 268 -12.57 18.44 -21.27
C GLU B 268 -13.47 18.69 -22.50
N TRP B 269 -13.20 17.95 -23.58
CA TRP B 269 -14.05 18.06 -24.79
C TRP B 269 -15.51 17.72 -24.50
N MET B 270 -15.76 16.60 -23.82
CA MET B 270 -17.12 16.20 -23.45
C MET B 270 -17.76 17.24 -22.53
N SER B 271 -16.98 17.75 -21.58
CA SER B 271 -17.50 18.71 -20.61
C SER B 271 -17.95 19.98 -21.32
N ARG B 272 -17.21 20.39 -22.36
CA ARG B 272 -17.55 21.59 -23.14
C ARG B 272 -18.68 21.39 -24.14
N ASN B 273 -18.80 20.18 -24.67
CA ASN B 273 -19.68 19.90 -25.79
C ASN B 273 -20.99 19.20 -25.48
N LEU B 274 -21.07 18.49 -24.36
CA LEU B 274 -22.32 17.81 -24.00
C LEU B 274 -23.46 18.83 -23.91
N ALA B 275 -24.62 18.44 -24.43
CA ALA B 275 -25.80 19.30 -24.36
C ALA B 275 -26.25 19.39 -22.91
N ASN B 276 -26.85 20.54 -22.56
CA ASN B 276 -27.51 20.69 -21.26
C ASN B 276 -26.52 20.39 -20.11
N ARG B 277 -25.31 20.95 -20.25
CA ARG B 277 -24.20 20.63 -19.31
C ARG B 277 -24.54 20.94 -17.85
N GLU B 278 -25.34 21.98 -17.63
CA GLU B 278 -25.73 22.38 -16.29
C GLU B 278 -26.61 21.32 -15.59
N SER B 279 -27.16 20.38 -16.37
CA SER B 279 -27.99 19.32 -15.83
C SER B 279 -27.27 17.99 -15.82
N VAL B 280 -25.94 18.05 -15.95
CA VAL B 280 -25.07 16.86 -16.02
C VAL B 280 -24.06 16.83 -14.89
N ILE B 281 -23.98 15.67 -14.22
CA ILE B 281 -22.84 15.36 -13.36
C ILE B 281 -21.90 14.47 -14.21
N LEU B 282 -20.73 14.99 -14.56
CA LEU B 282 -19.81 14.25 -15.44
C LEU B 282 -18.91 13.35 -14.58
N SER B 283 -18.98 12.05 -14.82
CA SER B 283 -18.32 11.06 -13.94
C SER B 283 -17.21 10.31 -14.69
N LEU B 284 -16.12 10.03 -13.98
CA LEU B 284 -14.97 9.30 -14.57
C LEU B 284 -14.96 7.89 -13.99
N HIS B 285 -14.55 6.90 -14.80
CA HIS B 285 -14.49 5.53 -14.32
C HIS B 285 -13.27 4.89 -15.02
N PRO B 286 -12.06 5.19 -14.55
CA PRO B 286 -10.82 4.66 -15.18
C PRO B 286 -10.44 3.27 -14.68
N HIS B 287 -10.07 2.39 -15.61
CA HIS B 287 -9.33 1.17 -15.24
C HIS B 287 -7.84 1.40 -15.44
N ASN B 288 -7.03 0.42 -15.06
CA ASN B 288 -5.61 0.67 -14.84
C ASN B 288 -4.69 -0.14 -15.77
N ASP B 289 -5.13 -0.47 -16.98
CA ASP B 289 -4.38 -1.40 -17.86
C ASP B 289 -2.99 -0.92 -18.27
N ARG B 290 -2.78 0.41 -18.23
CA ARG B 290 -1.47 0.99 -18.51
C ARG B 290 -0.78 1.52 -17.22
N GLY B 291 -1.37 1.20 -16.08
CA GLY B 291 -0.85 1.64 -14.80
C GLY B 291 -1.07 3.11 -14.51
N THR B 292 -1.96 3.75 -15.27
CA THR B 292 -2.13 5.22 -15.14
C THR B 292 -3.52 5.70 -14.74
N ALA B 293 -4.32 4.82 -14.11
CA ALA B 293 -5.70 5.15 -13.71
C ALA B 293 -5.77 6.36 -12.77
N VAL B 294 -4.91 6.38 -11.73
CA VAL B 294 -4.91 7.51 -10.78
C VAL B 294 -4.64 8.82 -11.55
N ALA B 295 -3.66 8.78 -12.44
CA ALA B 295 -3.35 9.96 -13.28
C ALA B 295 -4.50 10.36 -14.20
N ALA B 296 -5.17 9.39 -14.82
CA ALA B 296 -6.30 9.67 -15.68
C ALA B 296 -7.42 10.34 -14.89
N ALA B 297 -7.67 9.85 -13.67
CA ALA B 297 -8.68 10.45 -12.78
C ALA B 297 -8.31 11.89 -12.37
N GLU B 298 -7.07 12.10 -11.97
CA GLU B 298 -6.64 13.44 -11.49
C GLU B 298 -6.62 14.45 -12.63
N LEU B 299 -6.12 14.05 -13.80
CA LEU B 299 -6.12 15.01 -14.93
C LEU B 299 -7.53 15.22 -15.49
N GLY B 300 -8.31 14.13 -15.54
CA GLY B 300 -9.71 14.18 -15.94
C GLY B 300 -10.56 15.06 -15.04
N PHE B 301 -10.28 15.06 -13.73
CA PHE B 301 -11.03 15.93 -12.80
C PHE B 301 -10.66 17.39 -13.07
N ALA B 302 -9.37 17.66 -13.27
CA ALA B 302 -8.94 19.01 -13.58
C ALA B 302 -9.56 19.44 -14.91
N ALA B 303 -9.91 18.48 -15.78
CA ALA B 303 -10.51 18.74 -17.10
C ALA B 303 -12.00 19.12 -17.06
N GLY B 304 -12.59 19.04 -15.88
CA GLY B 304 -13.95 19.52 -15.71
C GLY B 304 -14.92 18.47 -15.25
N ALA B 305 -14.45 17.25 -14.98
CA ALA B 305 -15.37 16.23 -14.43
C ALA B 305 -15.82 16.65 -13.02
N ASP B 306 -16.94 16.08 -12.58
CA ASP B 306 -17.55 16.40 -11.29
C ASP B 306 -17.43 15.25 -10.28
N ARG B 307 -17.26 14.04 -10.82
CA ARG B 307 -17.41 12.81 -10.05
C ARG B 307 -16.40 11.76 -10.48
N ILE B 308 -16.01 10.89 -9.55
CA ILE B 308 -15.10 9.76 -9.86
C ILE B 308 -15.59 8.46 -9.20
N GLU B 309 -15.76 7.43 -10.03
CA GLU B 309 -16.02 6.05 -9.57
C GLU B 309 -14.70 5.27 -9.42
N GLY B 310 -14.54 4.57 -8.29
CA GLY B 310 -13.35 3.72 -8.13
C GLY B 310 -13.56 2.72 -7.00
N CYS B 311 -12.49 2.03 -6.66
CA CYS B 311 -12.52 1.04 -5.57
C CYS B 311 -11.41 1.33 -4.55
N LEU B 312 -11.66 0.94 -3.30
CA LEU B 312 -10.60 1.04 -2.28
C LEU B 312 -9.43 0.13 -2.68
N PHE B 313 -8.22 0.68 -2.67
CA PHE B 313 -6.99 -0.08 -3.02
C PHE B 313 -7.01 -0.70 -4.43
N GLY B 314 -7.75 -0.08 -5.34
CA GLY B 314 -7.62 -0.40 -6.77
C GLY B 314 -8.10 -1.78 -7.16
N ASN B 315 -8.99 -2.37 -6.37
CA ASN B 315 -9.66 -3.59 -6.83
C ASN B 315 -10.51 -3.33 -8.09
N GLY B 316 -10.76 -4.37 -8.88
CA GLY B 316 -11.72 -4.27 -9.99
C GLY B 316 -11.15 -5.06 -11.16
N GLU B 317 -11.85 -5.01 -12.30
CA GLU B 317 -11.55 -5.87 -13.43
C GLU B 317 -10.09 -5.76 -13.88
N ARG B 318 -9.45 -6.92 -14.05
CA ARG B 318 -8.06 -7.04 -14.57
C ARG B 318 -7.06 -6.28 -13.68
N THR B 319 -6.63 -5.08 -14.12
CA THR B 319 -5.68 -4.23 -13.36
C THR B 319 -6.37 -3.36 -12.32
N GLY B 320 -7.70 -3.40 -12.31
CA GLY B 320 -8.49 -2.74 -11.23
C GLY B 320 -9.15 -1.44 -11.66
N ASN B 321 -10.10 -0.98 -10.85
CA ASN B 321 -10.63 0.37 -10.95
C ASN B 321 -9.64 1.33 -10.30
N VAL B 322 -9.77 2.61 -10.60
CA VAL B 322 -8.89 3.59 -9.96
C VAL B 322 -8.98 3.51 -8.43
N CYS B 323 -7.83 3.60 -7.77
CA CYS B 323 -7.76 3.53 -6.29
C CYS B 323 -8.28 4.82 -5.63
N LEU B 324 -9.41 4.67 -4.94
CA LEU B 324 -10.00 5.77 -4.17
C LEU B 324 -9.15 6.23 -2.99
N VAL B 325 -8.33 5.32 -2.44
CA VAL B 325 -7.47 5.64 -1.30
C VAL B 325 -6.33 6.56 -1.79
N THR B 326 -5.69 6.17 -2.90
CA THR B 326 -4.65 7.00 -3.48
C THR B 326 -5.18 8.38 -3.89
N LEU B 327 -6.32 8.40 -4.58
CA LEU B 327 -6.91 9.70 -5.00
C LEU B 327 -7.23 10.55 -3.78
N GLY B 328 -7.84 9.95 -2.77
CA GLY B 328 -8.19 10.72 -1.55
C GLY B 328 -7.00 11.28 -0.81
N LEU B 329 -5.99 10.45 -0.57
CA LEU B 329 -4.81 10.90 0.18
C LEU B 329 -3.90 11.78 -0.67
N ASN B 330 -4.01 11.68 -2.00
CA ASN B 330 -3.32 12.61 -2.91
C ASN B 330 -3.88 14.03 -2.80
N LEU B 331 -5.14 14.16 -2.37
CA LEU B 331 -5.72 15.47 -2.05
C LEU B 331 -5.21 15.92 -0.67
N PHE B 332 -5.40 15.05 0.34
CA PHE B 332 -5.02 15.36 1.73
C PHE B 332 -3.57 15.89 1.80
N SER B 333 -2.67 15.16 1.13
CA SER B 333 -1.22 15.42 1.22
C SER B 333 -0.82 16.71 0.50
N ARG B 334 -1.77 17.27 -0.25
CA ARG B 334 -1.58 18.57 -0.91
C ARG B 334 -2.52 19.67 -0.38
N GLY B 335 -3.04 19.44 0.84
CA GLY B 335 -3.82 20.47 1.51
C GLY B 335 -5.28 20.60 1.07
N VAL B 336 -5.82 19.60 0.37
CA VAL B 336 -7.23 19.55 0.02
C VAL B 336 -7.98 18.43 0.79
N ASP B 337 -9.05 18.78 1.51
CA ASP B 337 -9.80 17.77 2.28
C ASP B 337 -10.51 16.80 1.33
N PRO B 338 -10.20 15.49 1.39
CA PRO B 338 -10.90 14.54 0.51
C PRO B 338 -12.35 14.27 0.89
N GLN B 339 -12.76 14.76 2.06
CA GLN B 339 -14.12 14.52 2.60
C GLN B 339 -14.45 13.05 2.90
N ILE B 340 -13.39 12.27 3.12
CA ILE B 340 -13.42 10.85 3.45
C ILE B 340 -12.37 10.64 4.55
N ASP B 341 -12.66 9.80 5.53
CA ASP B 341 -11.74 9.60 6.64
C ASP B 341 -10.77 8.45 6.36
N PHE B 342 -9.47 8.78 6.32
CA PHE B 342 -8.42 7.78 6.16
C PHE B 342 -7.51 7.78 7.39
N SER B 343 -8.03 8.24 8.54
CA SER B 343 -7.15 8.42 9.70
C SER B 343 -6.66 7.10 10.29
N ASN B 344 -7.31 6.00 9.88
CA ASN B 344 -6.85 4.67 10.28
C ASN B 344 -6.77 3.79 9.04
N ILE B 345 -5.71 3.97 8.28
CA ILE B 345 -5.60 3.27 6.99
C ILE B 345 -5.48 1.75 7.16
N ASP B 346 -4.89 1.30 8.27
CA ASP B 346 -4.76 -0.13 8.49
C ASP B 346 -6.10 -0.82 8.72
N GLU B 347 -7.03 -0.13 9.38
CA GLU B 347 -8.38 -0.65 9.54
CA GLU B 347 -8.39 -0.63 9.54
C GLU B 347 -9.05 -0.79 8.18
N ILE B 348 -8.88 0.22 7.33
CA ILE B 348 -9.42 0.17 5.97
C ILE B 348 -8.81 -1.00 5.21
N ARG B 349 -7.48 -1.12 5.27
CA ARG B 349 -6.74 -2.20 4.61
C ARG B 349 -7.20 -3.59 5.06
N ARG B 350 -7.24 -3.82 6.38
CA ARG B 350 -7.67 -5.12 6.90
C ARG B 350 -9.08 -5.49 6.45
N THR B 351 -9.98 -4.50 6.46
CA THR B 351 -11.35 -4.73 6.04
C THR B 351 -11.43 -5.08 4.56
N VAL B 352 -10.72 -4.30 3.73
CA VAL B 352 -10.63 -4.55 2.31
C VAL B 352 -10.09 -5.98 2.02
N GLU B 353 -9.01 -6.37 2.70
CA GLU B 353 -8.38 -7.69 2.49
C GLU B 353 -9.34 -8.83 2.91
N TYR B 354 -10.10 -8.61 3.98
CA TYR B 354 -11.11 -9.57 4.42
C TYR B 354 -12.20 -9.70 3.35
N CYS B 355 -12.71 -8.56 2.88
CA CYS B 355 -13.81 -8.56 1.90
C CYS B 355 -13.38 -9.11 0.54
N ASN B 356 -12.22 -8.68 0.05
CA ASN B 356 -11.77 -9.09 -1.28
C ASN B 356 -11.03 -10.41 -1.31
N GLN B 357 -10.45 -10.77 -0.17
CA GLN B 357 -9.53 -11.92 -0.10
C GLN B 357 -8.37 -11.78 -1.09
N LEU B 358 -7.93 -10.52 -1.26
CA LEU B 358 -6.75 -10.20 -2.04
C LEU B 358 -5.97 -9.18 -1.23
N PRO B 359 -4.63 -9.33 -1.20
CA PRO B 359 -3.80 -8.49 -0.36
C PRO B 359 -3.61 -7.09 -0.97
N VAL B 360 -3.39 -6.09 -0.11
CA VAL B 360 -2.85 -4.81 -0.56
C VAL B 360 -1.32 -4.98 -0.69
N HIS B 361 -0.80 -4.64 -1.86
CA HIS B 361 0.63 -4.87 -2.13
C HIS B 361 1.52 -4.05 -1.20
N GLU B 362 2.70 -4.59 -0.88
CA GLU B 362 3.66 -3.96 0.03
C GLU B 362 4.01 -2.49 -0.33
N ARG B 363 3.94 -2.17 -1.61
CA ARG B 363 4.32 -0.83 -2.11
C ARG B 363 3.13 0.06 -2.49
N HIS B 364 1.91 -0.39 -2.16
CA HIS B 364 0.71 0.39 -2.55
C HIS B 364 0.74 1.77 -1.88
N PRO B 365 0.58 2.85 -2.67
CA PRO B 365 0.56 4.20 -2.06
C PRO B 365 -0.27 4.27 -0.79
N TYR B 366 0.31 4.92 0.23
CA TYR B 366 -0.32 5.20 1.54
C TYR B 366 -0.59 4.00 2.46
N GLY B 367 -0.97 2.86 1.89
CA GLY B 367 -1.41 1.69 2.68
C GLY B 367 -0.48 0.49 2.72
N GLY B 368 0.46 0.40 1.76
CA GLY B 368 1.36 -0.76 1.70
C GLY B 368 2.25 -0.88 2.92
N ASP B 369 2.59 -2.12 3.27
CA ASP B 369 3.47 -2.43 4.42
C ASP B 369 4.73 -1.60 4.52
N LEU B 370 5.33 -1.31 3.37
CA LEU B 370 6.67 -0.73 3.31
C LEU B 370 6.69 0.79 3.08
N VAL B 371 5.51 1.40 2.98
CA VAL B 371 5.48 2.80 2.49
C VAL B 371 5.92 3.88 3.51
N TYR B 372 5.96 3.54 4.80
CA TYR B 372 6.49 4.47 5.83
C TYR B 372 7.83 3.98 6.39
N THR B 373 8.53 3.14 5.63
CA THR B 373 9.86 2.64 6.03
C THR B 373 10.99 3.40 5.33
N ALA B 374 12.14 3.44 5.99
CA ALA B 374 13.40 3.91 5.39
C ALA B 374 14.50 2.91 5.73
N PHE B 375 15.12 2.37 4.68
CA PHE B 375 16.24 1.43 4.82
C PHE B 375 17.59 2.13 4.67
N SER B 376 17.59 3.29 4.01
CA SER B 376 18.82 4.03 3.74
C SER B 376 19.28 4.78 4.97
N GLY B 377 20.55 4.61 5.34
CA GLY B 377 21.11 5.38 6.48
C GLY B 377 20.98 6.88 6.30
N SER B 378 21.29 7.36 5.11
CA SER B 378 21.25 8.81 4.86
C SER B 378 19.81 9.32 4.89
N HIS B 379 18.85 8.54 4.38
CA HIS B 379 17.45 8.94 4.51
C HIS B 379 17.02 8.96 5.96
N GLN B 380 17.43 7.96 6.73
CA GLN B 380 17.07 7.88 8.16
C GLN B 380 17.61 9.10 8.89
N ASP B 381 18.85 9.49 8.60
CA ASP B 381 19.44 10.68 9.21
CA ASP B 381 19.43 10.67 9.24
C ASP B 381 18.66 11.95 8.87
N ALA B 382 18.31 12.11 7.59
CA ALA B 382 17.59 13.28 7.10
C ALA B 382 16.20 13.38 7.71
N ILE B 383 15.56 12.22 7.87
CA ILE B 383 14.26 12.15 8.51
C ILE B 383 14.36 12.63 9.95
N ASN B 384 15.34 12.10 10.70
CA ASN B 384 15.60 12.54 12.09
C ASN B 384 15.80 14.04 12.19
N LYS B 385 16.56 14.61 11.25
CA LYS B 385 16.80 16.05 11.26
C LYS B 385 15.54 16.82 10.99
N GLY B 386 14.71 16.32 10.08
CA GLY B 386 13.44 16.96 9.78
C GLY B 386 12.56 16.96 11.01
N LEU B 387 12.45 15.81 11.65
CA LEU B 387 11.61 15.66 12.82
C LEU B 387 12.10 16.56 13.96
N ASP B 388 13.40 16.55 14.21
CA ASP B 388 14.00 17.44 15.22
C ASP B 388 13.71 18.92 14.97
N ALA B 389 13.85 19.35 13.72
CA ALA B 389 13.66 20.75 13.36
C ALA B 389 12.19 21.14 13.57
N MET B 390 11.26 20.21 13.28
CA MET B 390 9.84 20.45 13.56
C MET B 390 9.59 20.63 15.05
N LYS B 391 10.15 19.74 15.86
CA LYS B 391 10.02 19.81 17.31
C LYS B 391 10.57 21.14 17.88
N LEU B 392 11.73 21.55 17.39
CA LEU B 392 12.32 22.85 17.78
C LEU B 392 11.37 24.02 17.44
N ASP B 393 10.79 24.00 16.24
CA ASP B 393 9.83 25.05 15.81
C ASP B 393 8.57 25.08 16.67
N ALA B 394 8.07 23.89 17.02
CA ALA B 394 6.87 23.76 17.84
C ALA B 394 7.10 24.28 19.26
N ASP B 395 8.27 23.98 19.82
CA ASP B 395 8.64 24.47 21.14
C ASP B 395 8.78 25.99 21.16
N ALA B 396 9.30 26.54 20.07
CA ALA B 396 9.44 27.99 19.92
C ALA B 396 8.07 28.66 19.86
N ALA B 397 7.12 28.03 19.16
CA ALA B 397 5.79 28.59 18.99
C ALA B 397 4.81 28.20 20.10
N ASP B 398 5.28 27.42 21.08
CA ASP B 398 4.41 26.81 22.10
C ASP B 398 3.19 26.12 21.47
N CYS B 399 3.46 25.30 20.44
CA CYS B 399 2.45 24.56 19.71
C CYS B 399 2.73 23.08 19.77
N ASP B 400 1.70 22.29 19.51
CA ASP B 400 1.85 20.85 19.39
C ASP B 400 2.48 20.60 18.02
N VAL B 401 3.61 19.92 18.01
CA VAL B 401 4.29 19.56 16.76
C VAL B 401 3.35 18.80 15.82
N ASP B 402 2.42 18.03 16.38
CA ASP B 402 1.45 17.27 15.58
C ASP B 402 0.43 18.14 14.84
N ASP B 403 0.36 19.42 15.19
CA ASP B 403 -0.56 20.35 14.53
C ASP B 403 0.11 21.22 13.51
N MET B 404 1.43 21.11 13.40
CA MET B 404 2.17 22.03 12.52
C MET B 404 2.49 21.46 11.14
N LEU B 405 2.84 22.38 10.24
CA LEU B 405 3.23 22.02 8.86
C LEU B 405 4.26 20.87 8.86
N TRP B 406 3.91 19.78 8.18
CA TRP B 406 4.80 18.64 8.11
C TRP B 406 5.95 18.96 7.16
N GLN B 407 7.17 18.86 7.68
CA GLN B 407 8.37 19.21 6.95
C GLN B 407 9.43 18.16 7.18
N VAL B 408 9.31 17.01 6.51
CA VAL B 408 10.20 15.90 6.78
C VAL B 408 10.62 15.27 5.45
N PRO B 409 11.94 15.25 5.17
CA PRO B 409 12.43 14.65 3.93
C PRO B 409 11.98 13.21 3.79
N TYR B 410 11.65 12.81 2.56
CA TYR B 410 11.32 11.41 2.20
C TYR B 410 9.95 10.92 2.62
N LEU B 411 9.30 11.63 3.54
CA LEU B 411 7.96 11.20 3.96
C LEU B 411 6.93 12.24 3.54
N PRO B 412 6.15 11.95 2.48
CA PRO B 412 5.20 12.97 2.02
C PRO B 412 4.18 13.36 3.10
N ILE B 413 3.78 12.40 3.94
CA ILE B 413 2.87 12.71 5.06
C ILE B 413 3.39 12.18 6.40
N ASP B 414 2.88 12.78 7.47
CA ASP B 414 3.08 12.23 8.79
C ASP B 414 2.39 10.84 8.83
N PRO B 415 3.17 9.75 9.03
CA PRO B 415 2.49 8.44 9.06
C PRO B 415 1.38 8.43 10.11
N ARG B 416 1.57 9.18 11.19
CA ARG B 416 0.55 9.25 12.25
C ARG B 416 -0.81 9.77 11.80
N ASP B 417 -0.84 10.59 10.74
CA ASP B 417 -2.09 11.14 10.23
C ASP B 417 -2.99 10.07 9.58
N VAL B 418 -2.40 8.90 9.31
CA VAL B 418 -3.20 7.76 8.83
C VAL B 418 -3.08 6.58 9.78
N GLY B 419 -2.59 6.82 10.99
CA GLY B 419 -2.56 5.77 12.00
C GLY B 419 -1.36 4.85 11.94
N ARG B 420 -0.36 5.23 11.13
CA ARG B 420 0.82 4.42 10.90
C ARG B 420 2.02 5.03 11.61
N THR B 421 3.18 4.38 11.48
CA THR B 421 4.39 4.81 12.19
C THR B 421 5.62 4.75 11.28
N TYR B 422 6.39 5.83 11.29
CA TYR B 422 7.69 5.83 10.57
C TYR B 422 8.56 4.75 11.17
N GLU B 423 9.16 3.94 10.30
CA GLU B 423 9.98 2.79 10.73
C GLU B 423 11.36 2.85 10.04
N ALA B 424 12.43 3.08 10.83
CA ALA B 424 13.80 2.91 10.32
C ALA B 424 14.09 1.43 10.39
N VAL B 425 14.36 0.82 9.24
CA VAL B 425 14.66 -0.60 9.17
C VAL B 425 16.18 -0.80 9.17
N ILE B 426 16.65 -1.63 10.10
CA ILE B 426 18.08 -1.92 10.22
C ILE B 426 18.27 -3.35 9.75
N ARG B 427 19.31 -3.56 8.93
CA ARG B 427 19.69 -4.90 8.48
C ARG B 427 20.52 -5.61 9.55
N VAL B 428 20.20 -6.87 9.81
CA VAL B 428 21.00 -7.71 10.70
C VAL B 428 21.81 -8.76 9.92
N ASN B 429 23.14 -8.71 10.08
CA ASN B 429 24.10 -9.62 9.44
C ASN B 429 24.26 -10.97 10.16
N LYS B 434 17.61 -14.57 5.46
CA LYS B 434 17.53 -15.20 6.78
C LYS B 434 18.11 -14.27 7.83
N GLY B 435 17.52 -13.08 7.94
CA GLY B 435 17.93 -12.05 8.89
C GLY B 435 16.76 -11.21 9.35
N GLY B 436 17.03 -9.97 9.76
CA GLY B 436 15.99 -9.06 10.24
C GLY B 436 15.82 -9.16 11.75
N VAL B 437 15.56 -8.03 12.40
CA VAL B 437 15.47 -7.96 13.87
C VAL B 437 14.42 -8.92 14.44
N ALA B 438 13.18 -8.83 13.96
CA ALA B 438 12.11 -9.69 14.46
C ALA B 438 12.47 -11.16 14.36
N TYR B 439 12.93 -11.57 13.19
CA TYR B 439 13.28 -12.98 12.95
C TYR B 439 14.41 -13.50 13.82
N ILE B 440 15.49 -12.73 13.97
CA ILE B 440 16.62 -13.15 14.79
C ILE B 440 16.28 -13.17 16.29
N MET B 441 15.55 -12.16 16.76
CA MET B 441 15.12 -12.12 18.15
C MET B 441 14.34 -13.37 18.52
N LYS B 442 13.45 -13.80 17.62
CA LYS B 442 12.66 -15.01 17.84
C LYS B 442 13.52 -16.28 17.81
N THR B 443 14.32 -16.43 16.76
CA THR B 443 15.15 -17.63 16.58
C THR B 443 16.27 -17.78 17.60
N ASP B 444 16.99 -16.70 17.89
CA ASP B 444 18.17 -16.77 18.75
C ASP B 444 17.90 -16.51 20.21
N HIS B 445 16.76 -15.89 20.52
CA HIS B 445 16.47 -15.48 21.90
C HIS B 445 15.07 -15.83 22.38
N GLY B 446 14.26 -16.41 21.50
CA GLY B 446 12.93 -16.90 21.86
C GLY B 446 11.89 -15.81 22.11
N LEU B 447 12.17 -14.60 21.65
CA LEU B 447 11.26 -13.46 21.87
C LEU B 447 10.53 -13.09 20.60
N SER B 448 9.20 -13.04 20.70
CA SER B 448 8.34 -12.54 19.63
C SER B 448 7.97 -11.11 19.99
N LEU B 449 8.72 -10.15 19.43
CA LEU B 449 8.52 -8.75 19.75
C LEU B 449 7.25 -8.22 19.11
N PRO B 450 6.37 -7.59 19.91
CA PRO B 450 5.25 -6.86 19.35
C PRO B 450 5.76 -5.87 18.30
N ARG B 451 4.97 -5.66 17.24
CA ARG B 451 5.40 -4.82 16.12
C ARG B 451 5.89 -3.42 16.52
N ARG B 452 5.16 -2.75 17.39
CA ARG B 452 5.55 -1.41 17.82
C ARG B 452 6.85 -1.42 18.59
N LEU B 453 7.11 -2.51 19.32
CA LEU B 453 8.39 -2.64 20.03
C LEU B 453 9.53 -2.83 19.02
N GLN B 454 9.28 -3.63 17.99
CA GLN B 454 10.23 -3.84 16.90
C GLN B 454 10.64 -2.48 16.32
N ILE B 455 9.65 -1.62 16.09
CA ILE B 455 9.92 -0.29 15.52
C ILE B 455 10.72 0.58 16.47
N GLU B 456 10.30 0.59 17.74
CA GLU B 456 10.99 1.36 18.76
C GLU B 456 12.47 0.97 18.91
N PHE B 457 12.72 -0.33 18.97
CA PHE B 457 14.06 -0.84 19.21
C PHE B 457 14.97 -0.60 17.99
N SER B 458 14.41 -0.75 16.80
CA SER B 458 15.15 -0.42 15.57
C SER B 458 15.59 1.04 15.53
N GLN B 459 14.77 1.92 16.10
CA GLN B 459 15.12 3.33 16.22
C GLN B 459 16.28 3.54 17.19
N VAL B 460 16.30 2.76 18.28
CA VAL B 460 17.44 2.74 19.21
C VAL B 460 18.72 2.35 18.47
N ILE B 461 18.67 1.25 17.72
CA ILE B 461 19.83 0.79 16.97
C ILE B 461 20.25 1.82 15.92
N GLN B 462 19.27 2.48 15.30
CA GLN B 462 19.55 3.50 14.28
C GLN B 462 20.34 4.64 14.91
N LYS B 463 19.93 5.07 16.12
CA LYS B 463 20.65 6.11 16.88
C LYS B 463 21.98 5.60 17.46
N VAL B 475 23.71 -4.45 11.40
CA VAL B 475 24.29 -4.85 12.69
C VAL B 475 24.45 -6.36 12.80
N SER B 476 25.40 -6.82 13.60
CA SER B 476 25.55 -8.24 13.84
C SER B 476 24.50 -8.69 14.85
N PRO B 477 24.09 -9.98 14.78
CA PRO B 477 23.20 -10.55 15.80
C PRO B 477 23.67 -10.26 17.24
N LYS B 478 24.97 -10.39 17.50
CA LYS B 478 25.51 -10.08 18.83
C LYS B 478 25.34 -8.61 19.21
N GLU B 479 25.67 -7.71 18.27
CA GLU B 479 25.49 -6.28 18.50
C GLU B 479 24.04 -5.97 18.83
N MET B 480 23.14 -6.56 18.05
CA MET B 480 21.70 -6.38 18.22
C MET B 480 21.26 -6.82 19.63
N TRP B 481 21.64 -8.03 20.03
CA TRP B 481 21.23 -8.57 21.33
C TRP B 481 21.81 -7.76 22.49
N ASP B 482 23.11 -7.46 22.41
CA ASP B 482 23.73 -6.58 23.39
C ASP B 482 23.01 -5.24 23.53
N ALA B 483 22.60 -4.63 22.40
CA ALA B 483 21.84 -3.38 22.43
C ALA B 483 20.47 -3.55 23.11
N PHE B 484 19.82 -4.67 22.81
CA PHE B 484 18.52 -5.00 23.38
C PHE B 484 18.59 -5.18 24.89
N ALA B 485 19.57 -5.98 25.35
CA ALA B 485 19.74 -6.21 26.79
C ALA B 485 20.03 -4.92 27.54
N GLU B 486 20.91 -4.08 26.97
CA GLU B 486 21.28 -2.81 27.60
C GLU B 486 20.10 -1.85 27.72
N GLU B 487 19.19 -1.90 26.76
CA GLU B 487 18.05 -1.00 26.72
C GLU B 487 16.93 -1.41 27.65
N TYR B 488 16.55 -2.69 27.58
CA TYR B 488 15.30 -3.18 28.15
C TYR B 488 15.48 -4.07 29.37
N LEU B 489 16.64 -4.71 29.49
CA LEU B 489 16.81 -5.79 30.49
C LEU B 489 17.74 -5.42 31.66
N ALA B 490 18.82 -4.72 31.34
CA ALA B 490 19.88 -4.41 32.33
C ALA B 490 19.61 -3.27 33.33
N PRO B 491 18.97 -2.16 32.90
CA PRO B 491 18.87 -1.03 33.82
C PRO B 491 18.18 -1.31 35.16
N VAL B 492 18.81 -0.83 36.22
CA VAL B 492 18.30 -0.93 37.59
C VAL B 492 18.16 0.47 38.20
N ARG B 493 18.35 1.49 37.37
CA ARG B 493 18.15 2.88 37.77
C ARG B 493 17.31 3.62 36.71
N PRO B 494 16.40 4.51 37.15
CA PRO B 494 16.16 4.92 38.53
C PRO B 494 15.48 3.85 39.40
N LEU B 495 14.75 2.93 38.77
CA LEU B 495 13.91 2.00 39.52
C LEU B 495 14.44 0.57 39.51
N GLU B 496 14.48 -0.05 40.68
CA GLU B 496 14.80 -1.47 40.80
C GLU B 496 13.81 -2.13 41.74
N ARG B 497 13.27 -3.28 41.30
CA ARG B 497 12.30 -4.04 42.07
C ARG B 497 13.03 -5.17 42.79
N ILE B 498 12.93 -5.18 44.11
CA ILE B 498 13.64 -6.17 44.92
C ILE B 498 12.77 -7.39 45.15
N ARG B 499 11.62 -7.16 45.79
CA ARG B 499 10.62 -8.20 46.01
C ARG B 499 9.27 -7.51 46.16
N GLN B 500 8.20 -8.31 46.16
CA GLN B 500 6.85 -7.81 46.37
C GLN B 500 5.95 -8.89 46.93
N HIS B 501 4.99 -8.49 47.75
CA HIS B 501 3.95 -9.41 48.22
C HIS B 501 2.62 -9.12 47.51
N VAL B 502 2.13 -10.11 46.76
CA VAL B 502 0.88 -9.99 46.01
C VAL B 502 -0.28 -10.69 46.73
N ASP B 503 -1.28 -9.90 47.12
CA ASP B 503 -2.49 -10.36 47.79
C ASP B 503 -3.64 -10.31 46.78
N ALA B 504 -3.85 -11.43 46.09
CA ALA B 504 -4.84 -11.54 45.03
C ALA B 504 -6.17 -11.99 45.60
N ALA B 505 -7.27 -11.31 45.25
CA ALA B 505 -8.58 -11.76 45.70
C ALA B 505 -8.87 -13.14 45.12
N ASP B 506 -9.46 -14.00 45.94
CA ASP B 506 -9.78 -15.36 45.52
C ASP B 506 -10.90 -15.43 44.48
N ASP B 507 -11.85 -14.51 44.58
CA ASP B 507 -13.02 -14.56 43.74
C ASP B 507 -12.85 -13.73 42.49
N ASP B 508 -13.41 -14.23 41.41
CA ASP B 508 -13.34 -13.55 40.13
C ASP B 508 -13.86 -12.11 40.28
N GLY B 509 -13.11 -11.17 39.70
CA GLY B 509 -13.49 -9.78 39.72
C GLY B 509 -13.11 -9.03 40.99
N GLY B 510 -12.49 -9.72 41.95
CA GLY B 510 -12.02 -9.08 43.18
C GLY B 510 -10.74 -8.27 43.00
N THR B 511 -10.39 -7.45 43.99
CA THR B 511 -9.23 -6.56 43.90
C THR B 511 -7.92 -7.27 44.31
N THR B 512 -6.82 -6.94 43.64
CA THR B 512 -5.49 -7.38 44.06
C THR B 512 -4.76 -6.21 44.67
N SER B 513 -4.07 -6.46 45.78
CA SER B 513 -3.23 -5.45 46.39
C SER B 513 -1.80 -5.95 46.41
N ILE B 514 -0.87 -5.01 46.48
CA ILE B 514 0.54 -5.33 46.48
C ILE B 514 1.31 -4.39 47.41
N THR B 515 2.32 -4.93 48.08
CA THR B 515 3.38 -4.13 48.69
C THR B 515 4.68 -4.58 48.03
N ALA B 516 5.54 -3.63 47.70
CA ALA B 516 6.80 -3.95 47.02
C ALA B 516 7.95 -3.18 47.64
N THR B 517 9.08 -3.85 47.77
CA THR B 517 10.32 -3.19 48.16
C THR B 517 11.03 -2.81 46.88
N VAL B 518 11.26 -1.51 46.71
CA VAL B 518 11.92 -0.99 45.51
C VAL B 518 13.07 -0.07 45.88
N LYS B 519 14.08 0.01 45.01
CA LYS B 519 15.12 1.02 45.12
C LYS B 519 14.84 2.09 44.09
N ILE B 520 14.80 3.33 44.55
CA ILE B 520 14.65 4.48 43.67
C ILE B 520 15.97 5.25 43.73
N ASN B 521 16.66 5.30 42.59
CA ASN B 521 18.04 5.79 42.54
C ASN B 521 18.86 5.27 43.72
N GLY B 522 18.78 3.96 43.96
CA GLY B 522 19.55 3.31 45.03
C GLY B 522 18.96 3.30 46.43
N VAL B 523 17.99 4.19 46.69
CA VAL B 523 17.38 4.28 48.02
C VAL B 523 16.18 3.36 48.17
N GLU B 524 16.29 2.36 49.05
CA GLU B 524 15.21 1.41 49.30
C GLU B 524 13.98 2.06 49.90
N THR B 525 12.82 1.75 49.33
CA THR B 525 11.54 2.27 49.81
C THR B 525 10.46 1.18 49.66
N GLU B 526 9.39 1.30 50.44
CA GLU B 526 8.25 0.42 50.33
C GLU B 526 7.10 1.16 49.66
N ILE B 527 6.40 0.47 48.76
CA ILE B 527 5.28 1.07 48.02
C ILE B 527 4.04 0.20 48.12
N SER B 528 2.86 0.80 47.92
CA SER B 528 1.60 0.06 48.05
C SER B 528 0.54 0.49 47.04
N GLY B 529 -0.20 -0.49 46.51
CA GLY B 529 -1.23 -0.18 45.52
C GLY B 529 -2.21 -1.32 45.33
N SER B 530 -3.34 -1.00 44.71
CA SER B 530 -4.39 -1.97 44.42
C SER B 530 -4.83 -1.81 42.97
N GLY B 531 -5.38 -2.88 42.41
CA GLY B 531 -5.81 -2.92 41.02
C GLY B 531 -6.53 -4.24 40.76
N ASN B 532 -6.93 -4.44 39.50
CA ASN B 532 -7.70 -5.64 39.14
C ASN B 532 -6.84 -6.87 38.97
N GLY B 533 -5.53 -6.70 39.16
CA GLY B 533 -4.56 -7.79 39.14
C GLY B 533 -3.22 -7.27 39.61
N PRO B 534 -2.19 -8.13 39.67
CA PRO B 534 -0.89 -7.70 40.18
C PRO B 534 -0.20 -6.62 39.33
N LEU B 535 -0.33 -6.71 38.01
CA LEU B 535 0.23 -5.71 37.09
C LEU B 535 -0.32 -4.32 37.44
N ALA B 536 -1.64 -4.19 37.46
CA ALA B 536 -2.30 -2.94 37.78
C ALA B 536 -1.99 -2.43 39.19
N ALA B 537 -2.02 -3.34 40.16
CA ALA B 537 -1.65 -2.97 41.52
C ALA B 537 -0.23 -2.37 41.60
N PHE B 538 0.72 -3.01 40.91
CA PHE B 538 2.12 -2.56 40.89
C PHE B 538 2.26 -1.20 40.23
N VAL B 539 1.59 -1.05 39.08
CA VAL B 539 1.57 0.22 38.36
C VAL B 539 1.04 1.34 39.27
N HIS B 540 -0.05 1.05 40.00
CA HIS B 540 -0.64 2.04 40.89
C HIS B 540 0.23 2.34 42.11
N ALA B 541 0.94 1.33 42.59
CA ALA B 541 1.89 1.50 43.68
C ALA B 541 3.00 2.48 43.32
N LEU B 542 3.41 2.45 42.05
CA LEU B 542 4.51 3.30 41.57
C LEU B 542 4.15 4.79 41.52
N ALA B 543 2.87 5.10 41.42
CA ALA B 543 2.41 6.49 41.39
C ALA B 543 2.83 7.27 42.65
N ASP B 544 2.93 6.58 43.78
CA ASP B 544 3.27 7.26 45.03
C ASP B 544 4.74 7.59 45.17
N VAL B 545 5.59 6.97 44.34
CA VAL B 545 7.00 7.32 44.26
C VAL B 545 7.36 8.16 43.01
N GLY B 546 6.34 8.79 42.41
CA GLY B 546 6.53 9.75 41.32
C GLY B 546 6.69 9.19 39.92
N PHE B 547 6.29 7.94 39.72
CA PHE B 547 6.21 7.36 38.37
C PHE B 547 4.75 7.18 38.00
N ASP B 548 4.31 7.95 37.01
CA ASP B 548 2.96 7.79 36.46
C ASP B 548 3.06 6.85 35.25
N VAL B 549 2.63 5.61 35.41
CA VAL B 549 2.70 4.64 34.32
C VAL B 549 1.29 4.36 33.81
N ALA B 550 1.00 4.81 32.60
CA ALA B 550 -0.32 4.59 32.03
C ALA B 550 -0.21 3.51 30.95
N VAL B 551 -0.61 2.31 31.33
CA VAL B 551 -0.53 1.13 30.46
C VAL B 551 -1.43 1.27 29.22
N LEU B 552 -0.80 1.15 28.05
CA LEU B 552 -1.48 1.27 26.75
C LEU B 552 -1.72 -0.08 26.10
N ASP B 553 -0.79 -1.02 26.32
CA ASP B 553 -0.92 -2.34 25.72
C ASP B 553 -0.04 -3.31 26.48
N TYR B 554 -0.28 -4.60 26.29
CA TYR B 554 0.43 -5.61 27.05
C TYR B 554 0.33 -6.93 26.27
N TYR B 555 1.42 -7.66 26.22
CA TYR B 555 1.50 -8.98 25.57
C TYR B 555 2.38 -9.88 26.38
N GLU B 556 2.08 -11.18 26.36
CA GLU B 556 2.93 -12.16 27.02
C GLU B 556 2.93 -13.44 26.20
N HIS B 557 4.07 -14.15 26.17
CA HIS B 557 4.16 -15.47 25.54
C HIS B 557 5.13 -16.42 26.28
N ALA B 558 4.90 -17.71 26.14
CA ALA B 558 5.81 -18.73 26.65
C ALA B 558 7.16 -18.67 25.93
N MET B 559 8.20 -19.01 26.69
CA MET B 559 9.52 -19.36 26.19
C MET B 559 9.80 -20.76 26.76
N SER B 560 10.07 -21.73 25.88
CA SER B 560 10.32 -23.12 26.31
C SER B 560 9.15 -23.75 27.11
N ALA B 561 9.41 -24.87 27.78
CA ALA B 561 8.35 -25.60 28.50
C ALA B 561 8.90 -26.42 29.67
N GLY B 562 8.02 -26.98 30.48
CA GLY B 562 8.41 -27.81 31.62
C GLY B 562 9.06 -27.00 32.71
N ASP B 563 10.08 -27.58 33.36
CA ASP B 563 10.73 -26.89 34.47
C ASP B 563 11.56 -25.69 34.00
N ASP B 564 11.96 -25.71 32.72
CA ASP B 564 12.75 -24.62 32.13
C ASP B 564 11.87 -23.50 31.54
N ALA B 565 10.55 -23.65 31.66
CA ALA B 565 9.59 -22.68 31.10
C ALA B 565 9.76 -21.29 31.67
N GLN B 566 9.70 -20.30 30.78
CA GLN B 566 9.75 -18.91 31.17
C GLN B 566 8.64 -18.16 30.46
N ALA B 567 8.38 -16.93 30.89
CA ALA B 567 7.40 -16.07 30.24
C ALA B 567 8.09 -14.77 29.83
N ALA B 568 7.87 -14.32 28.60
CA ALA B 568 8.33 -12.97 28.20
C ALA B 568 7.09 -12.08 28.18
N ALA B 569 7.19 -10.94 28.86
CA ALA B 569 6.11 -9.96 28.96
C ALA B 569 6.54 -8.66 28.32
N TYR B 570 5.61 -8.00 27.65
CA TYR B 570 5.89 -6.71 26.98
C TYR B 570 4.78 -5.75 27.39
N VAL B 571 5.16 -4.58 27.85
CA VAL B 571 4.21 -3.57 28.29
C VAL B 571 4.52 -2.29 27.54
N GLU B 572 3.49 -1.68 26.97
CA GLU B 572 3.59 -0.37 26.34
C GLU B 572 2.89 0.60 27.27
N ALA B 573 3.57 1.67 27.64
CA ALA B 573 2.99 2.58 28.62
C ALA B 573 3.39 3.99 28.30
N SER B 574 2.50 4.93 28.64
CA SER B 574 2.85 6.34 28.62
C SER B 574 3.37 6.69 29.99
N VAL B 575 4.66 7.04 30.07
CA VAL B 575 5.33 7.21 31.37
C VAL B 575 5.69 8.68 31.62
N THR B 576 5.33 9.16 32.80
CA THR B 576 5.72 10.49 33.28
C THR B 576 6.48 10.31 34.60
N ILE B 577 7.61 11.00 34.73
CA ILE B 577 8.46 10.87 35.93
C ILE B 577 8.66 12.23 36.60
N ALA B 578 8.50 12.24 37.92
CA ALA B 578 8.67 13.44 38.74
C ALA B 578 10.11 13.94 38.67
N THR B 614 7.61 15.84 31.00
CA THR B 614 6.77 15.39 29.89
C THR B 614 6.51 13.88 29.98
N SER B 615 5.55 13.39 29.20
CA SER B 615 5.29 11.96 29.11
C SER B 615 5.83 11.35 27.82
N LYS B 616 6.38 10.15 27.93
CA LYS B 616 6.95 9.44 26.80
C LYS B 616 6.32 8.06 26.71
N THR B 617 5.94 7.68 25.51
CA THR B 617 5.43 6.33 25.24
C THR B 617 6.61 5.42 24.99
N VAL B 618 6.71 4.38 25.81
CA VAL B 618 7.83 3.46 25.78
C VAL B 618 7.33 2.03 26.00
N TRP B 619 8.10 1.09 25.46
CA TRP B 619 7.95 -0.32 25.79
C TRP B 619 8.89 -0.76 26.91
N GLY B 620 8.45 -1.75 27.68
CA GLY B 620 9.34 -2.48 28.57
C GLY B 620 9.22 -3.96 28.31
N VAL B 621 10.28 -4.70 28.63
CA VAL B 621 10.32 -6.13 28.43
C VAL B 621 10.71 -6.80 29.74
N GLY B 622 10.06 -7.90 30.06
CA GLY B 622 10.40 -8.64 31.28
C GLY B 622 10.40 -10.12 31.00
N ILE B 623 11.36 -10.83 31.56
CA ILE B 623 11.48 -12.26 31.35
C ILE B 623 11.60 -12.91 32.73
N ALA B 624 10.76 -13.93 33.00
CA ALA B 624 10.81 -14.62 34.29
C ALA B 624 10.07 -15.96 34.23
N PRO B 625 10.38 -16.88 35.17
CA PRO B 625 9.62 -18.14 35.21
C PRO B 625 8.11 -17.93 35.48
N SER B 626 7.73 -16.96 36.31
CA SER B 626 6.32 -16.71 36.62
C SER B 626 5.71 -15.73 35.60
N ILE B 627 4.53 -16.04 35.06
CA ILE B 627 3.80 -15.04 34.25
C ILE B 627 3.58 -13.70 34.95
N THR B 628 3.37 -13.74 36.26
CA THR B 628 3.17 -12.53 37.04
C THR B 628 4.48 -11.76 37.11
N THR B 629 5.55 -12.43 37.53
CA THR B 629 6.84 -11.74 37.71
C THR B 629 7.37 -11.16 36.40
N ALA B 630 7.13 -11.86 35.28
CA ALA B 630 7.55 -11.35 33.98
C ALA B 630 6.87 -10.01 33.73
N SER B 631 5.57 -9.93 34.03
CA SER B 631 4.80 -8.72 33.81
C SER B 631 5.31 -7.55 34.65
N LEU B 632 5.72 -7.82 35.89
CA LEU B 632 6.26 -6.77 36.76
C LEU B 632 7.61 -6.29 36.27
N ARG B 633 8.44 -7.23 35.85
CA ARG B 633 9.73 -6.89 35.25
C ARG B 633 9.56 -5.96 34.05
N ALA B 634 8.52 -6.22 33.24
CA ALA B 634 8.24 -5.40 32.06
C ALA B 634 7.88 -3.96 32.44
N VAL B 635 7.16 -3.79 33.55
CA VAL B 635 6.83 -2.45 34.01
C VAL B 635 8.08 -1.68 34.42
N VAL B 636 8.93 -2.31 35.22
CA VAL B 636 10.19 -1.71 35.62
C VAL B 636 11.02 -1.31 34.38
N SER B 637 11.10 -2.22 33.42
CA SER B 637 11.85 -2.01 32.17
C SER B 637 11.37 -0.76 31.44
N ALA B 638 10.05 -0.58 31.38
CA ALA B 638 9.44 0.57 30.72
C ALA B 638 9.77 1.89 31.43
N VAL B 639 9.69 1.87 32.77
CA VAL B 639 10.00 3.04 33.58
C VAL B 639 11.46 3.48 33.33
N ASN B 640 12.37 2.51 33.40
CA ASN B 640 13.79 2.79 33.21
C ASN B 640 14.14 3.22 31.78
N ARG B 641 13.43 2.67 30.77
CA ARG B 641 13.56 3.12 29.37
C ARG B 641 13.13 4.59 29.23
N ALA B 642 11.99 4.94 29.83
CA ALA B 642 11.48 6.32 29.83
C ALA B 642 12.47 7.32 30.42
N ALA B 643 13.33 6.85 31.32
CA ALA B 643 14.38 7.66 31.94
C ALA B 643 15.71 7.43 31.22
#